data_6KWA
#
_entry.id   6KWA
#
_cell.length_a   76.626
_cell.length_b   75.547
_cell.length_c   165.318
_cell.angle_alpha   90.0
_cell.angle_beta   90.0
_cell.angle_gamma   90.0
#
_symmetry.space_group_name_H-M   'P 21 21 21'
#
loop_
_entity.id
_entity.type
_entity.pdbx_description
1 polymer '2-oxoglutarate (2OG) and Fe(II)-dependent oxygenase superfamily protein'
2 non-polymer 'MAGNESIUM ION'
3 water water
#
_entity_poly.entity_id   1
_entity_poly.type   'polypeptide(L)'
_entity_poly.pdbx_seq_one_letter_code
;MIPTIDLEEVSDKILNQKIREASERWGCFRVINHGVSLSLMAEMKKTVIDLFQRPYEVKVRNTDVLLGSGYRAPNEINPY
YEALGLYDMASPHAVNTFCDQLEASADQREIMVKYAKAINGLATDLARKLAESYGLVETDFFKEWPSQFRINKYHFKPET
VGKLGVQLHTDSGFLTILQDDENVGGLEAMDNSSGTFFPIDPLPNTLAINLGDMATIWSNGRLCNVKHRVQCKEATMRYS
IASFLLGPMDTDLEPPSEFVDAEHPRLYKP
;
_entity_poly.pdbx_strand_id   A,B,C
#
# COMPACT_ATOMS: atom_id res chain seq x y z
N MET A 1 -3.90 21.50 5.44
CA MET A 1 -4.50 22.67 4.80
C MET A 1 -3.96 22.80 3.39
N ILE A 2 -4.86 22.87 2.42
CA ILE A 2 -4.42 22.94 1.03
C ILE A 2 -3.95 24.35 0.63
N PRO A 3 -2.74 24.43 0.04
CA PRO A 3 -2.15 25.69 -0.35
C PRO A 3 -2.74 26.22 -1.63
N THR A 4 -2.68 27.53 -1.76
CA THR A 4 -3.08 28.19 -2.96
C THR A 4 -1.82 28.73 -3.57
N ILE A 5 -1.63 28.45 -4.85
CA ILE A 5 -0.43 28.81 -5.60
C ILE A 5 -0.72 29.82 -6.72
N ASP A 6 0.02 30.92 -6.70
CA ASP A 6 -0.10 32.01 -7.68
C ASP A 6 0.77 31.71 -8.89
N LEU A 7 0.14 31.36 -10.02
CA LEU A 7 0.87 30.96 -11.21
C LEU A 7 1.50 32.18 -11.90
N GLU A 8 1.22 33.39 -11.40
CA GLU A 8 1.93 34.59 -11.92
C GLU A 8 3.10 35.03 -11.02
N GLU A 9 3.54 34.15 -10.12
CA GLU A 9 4.75 34.40 -9.34
C GLU A 9 5.89 34.63 -10.30
N VAL A 10 6.66 35.70 -10.09
CA VAL A 10 7.62 36.12 -11.11
C VAL A 10 8.82 35.17 -11.15
N SER A 11 9.19 34.65 -10.00
CA SER A 11 10.33 33.76 -9.89
C SER A 11 9.97 32.31 -10.16
N ASP A 12 10.49 31.75 -11.24
CA ASP A 12 10.25 30.35 -11.57
C ASP A 12 10.72 29.38 -10.51
N LYS A 13 11.81 29.72 -9.81
CA LYS A 13 12.35 28.71 -8.95
C LYS A 13 11.54 28.68 -7.64
N ILE A 14 10.92 29.81 -7.29
CA ILE A 14 10.04 29.88 -6.12
C ILE A 14 8.70 29.22 -6.40
N LEU A 15 8.18 29.53 -7.59
CA LEU A 15 6.93 28.95 -8.08
C LEU A 15 7.00 27.42 -8.17
N ASN A 16 8.00 26.92 -8.89
CA ASN A 16 8.19 25.48 -9.02
C ASN A 16 8.39 24.78 -7.70
N GLN A 17 9.10 25.42 -6.78
CA GLN A 17 9.31 24.80 -5.48
C GLN A 17 8.01 24.74 -4.70
N LYS A 18 7.23 25.81 -4.75
CA LYS A 18 5.93 25.80 -4.09
C LYS A 18 5.05 24.72 -4.69
N ILE A 19 5.08 24.54 -6.00
CA ILE A 19 4.27 23.49 -6.61
C ILE A 19 4.73 22.13 -6.10
N ARG A 20 6.02 21.89 -6.16
CA ARG A 20 6.57 20.62 -5.75
C ARG A 20 6.24 20.29 -4.29
N GLU A 21 6.33 21.26 -3.39
CA GLU A 21 6.17 20.93 -1.99
C GLU A 21 4.71 20.73 -1.63
N ALA A 22 3.83 21.48 -2.29
CA ALA A 22 2.40 21.21 -2.16
C ALA A 22 2.09 19.79 -2.60
N SER A 23 2.63 19.43 -3.76
CA SER A 23 2.32 18.14 -4.38
C SER A 23 2.91 16.95 -3.61
N GLU A 24 3.98 17.17 -2.88
CA GLU A 24 4.60 16.09 -2.12
C GLU A 24 3.94 15.91 -0.79
N ARG A 25 3.56 17.02 -0.17
CA ARG A 25 3.04 16.96 1.20
C ARG A 25 1.53 16.75 1.24
N TRP A 26 0.79 17.41 0.34
CA TRP A 26 -0.67 17.34 0.34
C TRP A 26 -1.28 16.66 -0.88
N GLY A 27 -0.55 16.62 -1.98
CA GLY A 27 -1.06 16.00 -3.19
C GLY A 27 -2.11 16.82 -3.92
N CYS A 28 -2.26 18.07 -3.49
CA CYS A 28 -3.21 18.95 -4.13
C CYS A 28 -2.87 20.39 -3.84
N PHE A 29 -3.40 21.27 -4.66
CA PHE A 29 -3.27 22.70 -4.43
C PHE A 29 -4.25 23.45 -5.29
N ARG A 30 -4.52 24.67 -4.89
CA ARG A 30 -5.41 25.54 -5.64
C ARG A 30 -4.50 26.42 -6.51
N VAL A 31 -4.96 26.82 -7.70
CA VAL A 31 -4.22 27.81 -8.46
C VAL A 31 -5.08 29.05 -8.68
N ILE A 32 -4.42 30.19 -8.61
CA ILE A 32 -5.00 31.49 -8.97
C ILE A 32 -4.12 32.10 -10.04
N ASN A 33 -4.67 33.10 -10.73
CA ASN A 33 -4.02 33.70 -11.90
C ASN A 33 -3.55 32.64 -12.86
N HIS A 34 -4.42 31.67 -13.08
CA HIS A 34 -4.14 30.47 -13.88
C HIS A 34 -4.10 30.68 -15.38
N GLY A 35 -4.48 31.87 -15.84
CA GLY A 35 -4.50 32.16 -17.26
C GLY A 35 -5.71 31.68 -18.06
N VAL A 36 -6.68 31.04 -17.42
CA VAL A 36 -7.89 30.62 -18.13
C VAL A 36 -8.99 31.67 -18.04
N SER A 37 -9.56 32.03 -19.18
CA SER A 37 -10.63 33.05 -19.23
C SER A 37 -11.76 32.75 -18.25
N LEU A 38 -12.11 33.73 -17.42
CA LEU A 38 -13.14 33.53 -16.42
C LEU A 38 -14.50 33.37 -17.09
N SER A 39 -14.73 34.13 -18.16
CA SER A 39 -15.97 34.06 -18.89
C SER A 39 -16.10 32.71 -19.59
N LEU A 40 -14.99 32.20 -20.13
CA LEU A 40 -14.98 30.88 -20.74
C LEU A 40 -15.34 29.79 -19.72
N MET A 41 -14.82 29.93 -18.50
CA MET A 41 -15.13 28.98 -17.45
C MET A 41 -16.61 29.06 -17.10
N ALA A 42 -17.16 30.28 -17.02
CA ALA A 42 -18.57 30.42 -16.67
C ALA A 42 -19.43 29.89 -17.79
N GLU A 43 -18.99 30.14 -19.02
CA GLU A 43 -19.73 29.64 -20.18
C GLU A 43 -19.68 28.12 -20.23
N MET A 44 -18.57 27.56 -19.78
CA MET A 44 -18.46 26.11 -19.75
C MET A 44 -19.44 25.54 -18.72
N LYS A 45 -19.55 26.17 -17.57
CA LYS A 45 -20.45 25.65 -16.55
C LYS A 45 -21.94 25.74 -17.00
N LYS A 46 -22.30 26.80 -17.72
CA LYS A 46 -23.67 26.93 -18.21
C LYS A 46 -23.93 25.84 -19.26
N THR A 47 -22.96 25.62 -20.14
CA THR A 47 -23.07 24.56 -21.15
C THR A 47 -23.31 23.22 -20.45
N VAL A 48 -22.58 22.99 -19.35
CA VAL A 48 -22.67 21.75 -18.59
C VAL A 48 -24.05 21.51 -17.99
N ILE A 49 -24.58 22.55 -17.36
CA ILE A 49 -25.92 22.48 -16.84
C ILE A 49 -26.87 22.15 -17.99
N ASP A 50 -26.65 22.78 -19.14
CA ASP A 50 -27.51 22.53 -20.28
C ASP A 50 -27.32 21.13 -20.89
N LEU A 51 -26.08 20.66 -21.02
CA LEU A 51 -25.87 19.33 -21.58
C LEU A 51 -26.58 18.28 -20.71
N PHE A 52 -26.60 18.47 -19.40
CA PHE A 52 -27.24 17.49 -18.52
C PHE A 52 -28.77 17.48 -18.60
N GLN A 53 -29.34 18.51 -19.21
CA GLN A 53 -30.78 18.56 -19.42
C GLN A 53 -31.16 17.97 -20.76
N ARG A 54 -30.19 17.47 -21.50
CA ARG A 54 -30.46 16.82 -22.78
C ARG A 54 -31.32 15.58 -22.51
N PRO A 55 -32.14 15.18 -23.50
CA PRO A 55 -32.93 13.95 -23.36
C PRO A 55 -32.04 12.79 -22.94
N TYR A 56 -32.56 11.90 -22.11
CA TYR A 56 -31.80 10.76 -21.65
C TYR A 56 -31.22 9.94 -22.80
N GLU A 57 -32.01 9.80 -23.85
CA GLU A 57 -31.64 8.90 -24.93
C GLU A 57 -30.52 9.56 -25.77
N VAL A 58 -30.43 10.88 -25.68
CA VAL A 58 -29.30 11.60 -26.24
C VAL A 58 -28.03 11.37 -25.37
N LYS A 59 -28.16 11.52 -24.05
CA LYS A 59 -27.01 11.35 -23.17
C LYS A 59 -26.39 9.98 -23.26
N VAL A 60 -27.22 8.94 -23.44
CA VAL A 60 -26.72 7.56 -23.49
C VAL A 60 -25.87 7.33 -24.74
N ARG A 61 -25.97 8.25 -25.69
CA ARG A 61 -25.15 8.24 -26.91
C ARG A 61 -23.68 8.63 -26.62
N ASN A 62 -23.43 9.21 -25.44
CA ASN A 62 -22.06 9.49 -25.00
C ASN A 62 -21.42 8.17 -24.58
N THR A 63 -20.83 7.50 -25.55
CA THR A 63 -20.38 6.14 -25.35
C THR A 63 -18.94 6.11 -24.87
N ASP A 64 -18.60 5.05 -24.14
CA ASP A 64 -17.24 4.86 -23.65
C ASP A 64 -16.24 4.74 -24.80
N VAL A 65 -15.02 5.17 -24.54
CA VAL A 65 -13.88 4.91 -25.43
C VAL A 65 -12.86 4.16 -24.58
N LEU A 66 -12.40 4.79 -23.50
CA LEU A 66 -11.86 4.04 -22.36
C LEU A 66 -13.04 3.68 -21.50
N LEU A 67 -12.92 2.62 -20.70
CA LEU A 67 -14.04 2.22 -19.87
C LEU A 67 -14.34 3.32 -18.85
N GLY A 68 -15.61 3.72 -18.77
CA GLY A 68 -16.01 4.77 -17.86
C GLY A 68 -15.83 6.20 -18.37
N SER A 69 -15.34 6.37 -19.60
CA SER A 69 -15.07 7.71 -20.07
C SER A 69 -16.33 8.40 -20.54
N GLY A 70 -17.38 7.62 -20.82
CA GLY A 70 -18.64 8.14 -21.32
C GLY A 70 -19.69 8.40 -20.26
N TYR A 71 -20.95 8.33 -20.66
CA TYR A 71 -22.07 8.65 -19.77
C TYR A 71 -22.28 7.67 -18.65
N ARG A 72 -22.59 8.18 -17.46
CA ARG A 72 -23.04 7.33 -16.37
C ARG A 72 -24.22 7.94 -15.66
N ALA A 73 -25.32 7.19 -15.58
CA ALA A 73 -26.48 7.62 -14.83
C ALA A 73 -26.33 7.20 -13.37
N PRO A 74 -27.00 7.93 -12.46
CA PRO A 74 -27.00 7.53 -11.04
C PRO A 74 -27.55 6.11 -10.86
N ASN A 75 -26.95 5.35 -9.97
CA ASN A 75 -27.45 4.01 -9.70
C ASN A 75 -27.38 3.72 -8.22
N GLU A 76 -27.43 2.46 -7.84
CA GLU A 76 -27.49 2.19 -6.41
C GLU A 76 -26.09 2.18 -5.77
N ILE A 77 -25.07 2.12 -6.62
CA ILE A 77 -23.71 2.37 -6.16
C ILE A 77 -23.46 3.85 -5.88
N ASN A 78 -23.68 4.70 -6.89
CA ASN A 78 -23.49 6.15 -6.73
C ASN A 78 -24.83 6.83 -6.95
N PRO A 79 -25.65 6.89 -5.92
CA PRO A 79 -27.02 7.37 -6.10
C PRO A 79 -27.10 8.85 -6.46
N TYR A 80 -26.10 9.65 -6.13
CA TYR A 80 -26.28 11.10 -6.28
C TYR A 80 -25.55 11.63 -7.51
N TYR A 81 -25.02 10.74 -8.34
CA TYR A 81 -24.02 11.17 -9.29
C TYR A 81 -24.39 10.85 -10.72
N GLU A 82 -24.29 11.86 -11.60
CA GLU A 82 -24.43 11.68 -13.03
C GLU A 82 -23.21 12.30 -13.74
N ALA A 83 -22.78 11.71 -14.85
CA ALA A 83 -21.58 12.20 -15.49
C ALA A 83 -21.57 11.94 -16.98
N LEU A 84 -20.92 12.86 -17.69
CA LEU A 84 -20.64 12.76 -19.11
C LEU A 84 -19.15 13.00 -19.32
N GLY A 85 -18.60 12.52 -20.42
CA GLY A 85 -17.22 12.82 -20.68
C GLY A 85 -16.65 12.31 -21.98
N LEU A 86 -15.40 12.66 -22.22
CA LEU A 86 -14.76 12.30 -23.47
C LEU A 86 -13.30 12.03 -23.21
N TYR A 87 -12.81 11.04 -23.93
CA TYR A 87 -11.43 10.64 -23.89
C TYR A 87 -10.63 11.40 -24.96
N ASP A 88 -9.36 11.66 -24.66
CA ASP A 88 -8.44 12.32 -25.58
C ASP A 88 -8.91 13.74 -25.84
N MET A 89 -9.05 14.53 -24.78
CA MET A 89 -9.65 15.84 -24.90
C MET A 89 -8.72 16.81 -25.59
N ALA A 90 -7.48 16.39 -25.81
CA ALA A 90 -6.51 17.20 -26.58
C ALA A 90 -6.78 17.07 -28.07
N SER A 91 -7.48 16.01 -28.47
CA SER A 91 -7.87 15.83 -29.88
C SER A 91 -9.17 16.59 -30.22
N PRO A 92 -9.09 17.57 -31.14
CA PRO A 92 -10.32 18.27 -31.56
C PRO A 92 -11.38 17.36 -32.16
N HIS A 93 -10.96 16.23 -32.74
CA HIS A 93 -11.93 15.29 -33.26
C HIS A 93 -12.74 14.66 -32.12
N ALA A 94 -12.05 14.28 -31.04
CA ALA A 94 -12.74 13.71 -29.88
C ALA A 94 -13.72 14.73 -29.30
N VAL A 95 -13.30 15.98 -29.21
CA VAL A 95 -14.14 17.03 -28.68
C VAL A 95 -15.38 17.22 -29.58
N ASN A 96 -15.19 17.23 -30.90
CA ASN A 96 -16.33 17.37 -31.81
C ASN A 96 -17.26 16.15 -31.81
N THR A 97 -16.69 14.98 -31.70
CA THR A 97 -17.48 13.76 -31.62
C THR A 97 -18.44 13.82 -30.44
N PHE A 98 -17.91 14.24 -29.29
CA PHE A 98 -18.68 14.45 -28.09
C PHE A 98 -19.80 15.47 -28.34
N CYS A 99 -19.46 16.57 -29.00
CA CYS A 99 -20.46 17.60 -29.30
C CYS A 99 -21.54 17.10 -30.29
N ASP A 100 -21.13 16.27 -31.24
CA ASP A 100 -22.08 15.61 -32.13
C ASP A 100 -23.06 14.78 -31.31
N GLN A 101 -22.52 13.91 -30.44
CA GLN A 101 -23.31 13.00 -29.60
C GLN A 101 -24.34 13.73 -28.72
N LEU A 102 -23.96 14.89 -28.18
CA LEU A 102 -24.82 15.57 -27.22
C LEU A 102 -25.65 16.67 -27.86
N GLU A 103 -25.55 16.76 -29.18
CA GLU A 103 -26.26 17.78 -29.96
C GLU A 103 -25.97 19.13 -29.38
N ALA A 104 -24.67 19.40 -29.25
CA ALA A 104 -24.26 20.69 -28.77
C ALA A 104 -24.66 21.71 -29.82
N SER A 105 -25.15 22.85 -29.36
CA SER A 105 -25.35 23.96 -30.24
C SER A 105 -24.00 24.40 -30.80
N ALA A 106 -24.02 25.30 -31.78
CA ALA A 106 -22.80 25.82 -32.38
C ALA A 106 -21.93 26.52 -31.34
N ASP A 107 -22.56 27.40 -30.55
CA ASP A 107 -21.91 28.14 -29.49
C ASP A 107 -21.29 27.22 -28.48
N GLN A 108 -22.06 26.18 -28.12
CA GLN A 108 -21.63 25.23 -27.11
C GLN A 108 -20.45 24.44 -27.60
N ARG A 109 -20.43 24.19 -28.91
CA ARG A 109 -19.34 23.45 -29.50
C ARG A 109 -18.09 24.27 -29.36
N GLU A 110 -18.21 25.58 -29.61
CA GLU A 110 -17.04 26.43 -29.62
C GLU A 110 -16.51 26.68 -28.20
N ILE A 111 -17.42 26.75 -27.24
CA ILE A 111 -17.06 26.89 -25.84
C ILE A 111 -16.24 25.68 -25.38
N MET A 112 -16.68 24.50 -25.77
CA MET A 112 -16.06 23.26 -25.40
C MET A 112 -14.65 23.16 -26.00
N VAL A 113 -14.54 23.56 -27.25
CA VAL A 113 -13.28 23.47 -27.98
C VAL A 113 -12.25 24.39 -27.36
N LYS A 114 -12.68 25.59 -26.97
CA LYS A 114 -11.78 26.58 -26.39
C LYS A 114 -11.47 26.24 -24.90
N TYR A 115 -12.45 25.70 -24.18
CA TYR A 115 -12.22 25.22 -22.82
C TYR A 115 -11.22 24.07 -22.79
N ALA A 116 -11.43 23.08 -23.66
CA ALA A 116 -10.54 21.94 -23.76
C ALA A 116 -9.10 22.36 -23.99
N LYS A 117 -8.90 23.31 -24.89
CA LYS A 117 -7.54 23.66 -25.26
C LYS A 117 -6.89 24.48 -24.15
N ALA A 118 -7.67 25.33 -23.49
CA ALA A 118 -7.17 26.15 -22.40
C ALA A 118 -6.81 25.33 -21.18
N ILE A 119 -7.67 24.40 -20.81
CA ILE A 119 -7.47 23.62 -19.60
C ILE A 119 -6.35 22.64 -19.81
N ASN A 120 -6.30 22.09 -21.01
CA ASN A 120 -5.24 21.18 -21.39
C ASN A 120 -3.88 21.89 -21.45
N GLY A 121 -3.92 23.17 -21.82
CA GLY A 121 -2.71 23.97 -21.88
C GLY A 121 -2.19 24.14 -20.46
N LEU A 122 -3.09 24.40 -19.52
CA LEU A 122 -2.75 24.57 -18.10
C LEU A 122 -2.18 23.28 -17.49
N ALA A 123 -2.74 22.14 -17.88
CA ALA A 123 -2.33 20.85 -17.34
C ALA A 123 -0.91 20.50 -17.78
N THR A 124 -0.59 20.79 -19.03
CA THR A 124 0.76 20.53 -19.54
C THR A 124 1.77 21.54 -18.96
N ASP A 125 1.35 22.78 -18.75
CA ASP A 125 2.21 23.71 -18.02
C ASP A 125 2.54 23.25 -16.57
N LEU A 126 1.55 22.78 -15.82
CA LEU A 126 1.75 22.31 -14.43
C LEU A 126 2.62 21.08 -14.47
N ALA A 127 2.38 20.20 -15.43
CA ALA A 127 3.20 19.00 -15.53
C ALA A 127 4.67 19.36 -15.79
N ARG A 128 4.92 20.26 -16.73
CA ARG A 128 6.30 20.68 -17.02
C ARG A 128 6.89 21.31 -15.78
N LYS A 129 6.10 22.11 -15.08
CA LYS A 129 6.63 22.76 -13.89
C LYS A 129 7.06 21.74 -12.82
N LEU A 130 6.32 20.64 -12.68
CA LEU A 130 6.71 19.58 -11.75
C LEU A 130 8.06 18.97 -12.17
N ALA A 131 8.25 18.72 -13.44
CA ALA A 131 9.55 18.20 -13.89
C ALA A 131 10.64 19.24 -13.60
N GLU A 132 10.32 20.51 -13.83
CA GLU A 132 11.32 21.54 -13.57
C GLU A 132 11.69 21.65 -12.08
N SER A 133 10.73 21.43 -11.20
CA SER A 133 11.00 21.56 -9.78
C SER A 133 11.94 20.47 -9.29
N TYR A 134 12.06 19.40 -10.07
CA TYR A 134 13.01 18.35 -9.72
C TYR A 134 14.33 18.46 -10.49
N GLY A 135 14.44 19.43 -11.39
CA GLY A 135 15.63 19.60 -12.22
C GLY A 135 15.85 18.48 -13.23
N LEU A 136 14.75 17.88 -13.67
CA LEU A 136 14.76 16.78 -14.62
C LEU A 136 15.12 17.24 -16.01
N VAL A 137 15.68 16.31 -16.79
CA VAL A 137 16.00 16.54 -18.19
C VAL A 137 14.79 16.24 -19.06
N GLU A 138 13.94 15.33 -18.60
CA GLU A 138 12.78 14.94 -19.37
C GLU A 138 11.65 15.96 -19.20
N THR A 139 11.83 17.16 -19.72
CA THR A 139 10.87 18.23 -19.47
C THR A 139 9.67 18.11 -20.42
N ASP A 140 9.67 17.05 -21.23
CA ASP A 140 8.62 16.80 -22.19
C ASP A 140 7.95 15.45 -21.92
N PHE A 141 8.04 14.95 -20.69
CA PHE A 141 7.62 13.57 -20.40
C PHE A 141 6.14 13.30 -20.69
N PHE A 142 5.34 14.35 -20.64
CA PHE A 142 3.89 14.18 -20.69
C PHE A 142 3.36 14.22 -22.13
N LYS A 143 4.23 14.47 -23.12
CA LYS A 143 3.74 14.90 -24.43
C LYS A 143 2.98 13.89 -25.25
N GLU A 144 3.08 12.62 -24.91
CA GLU A 144 2.31 11.61 -25.61
C GLU A 144 1.21 11.07 -24.70
N TRP A 145 0.95 11.78 -23.61
CA TRP A 145 -0.06 11.34 -22.65
C TRP A 145 -1.41 11.94 -22.98
N PRO A 146 -2.44 11.10 -23.08
CA PRO A 146 -3.80 11.59 -23.37
C PRO A 146 -4.47 12.22 -22.14
N SER A 147 -5.41 13.11 -22.39
CA SER A 147 -6.22 13.67 -21.31
C SER A 147 -7.66 13.24 -21.49
N GLN A 148 -8.42 13.37 -20.41
CA GLN A 148 -9.82 12.97 -20.35
C GLN A 148 -10.65 14.07 -19.72
N PHE A 149 -11.78 14.34 -20.35
CA PHE A 149 -12.70 15.36 -19.90
C PHE A 149 -13.89 14.67 -19.21
N ARG A 150 -14.32 15.18 -18.05
CA ARG A 150 -15.49 14.62 -17.41
C ARG A 150 -16.30 15.72 -16.73
N ILE A 151 -17.59 15.77 -16.99
CA ILE A 151 -18.42 16.78 -16.32
C ILE A 151 -19.40 16.03 -15.45
N ASN A 152 -19.67 16.62 -14.29
CA ASN A 152 -20.37 15.90 -13.26
C ASN A 152 -21.58 16.68 -12.79
N LYS A 153 -22.67 15.97 -12.47
CA LYS A 153 -23.86 16.56 -11.84
C LYS A 153 -24.16 15.81 -10.55
N TYR A 154 -24.05 16.50 -9.41
CA TYR A 154 -24.36 15.85 -8.13
C TYR A 154 -25.75 16.25 -7.71
N HIS A 155 -26.56 15.26 -7.35
CA HIS A 155 -27.85 15.58 -6.83
C HIS A 155 -28.02 15.16 -5.36
N PHE A 156 -27.96 16.11 -4.44
CA PHE A 156 -28.11 15.81 -3.00
C PHE A 156 -29.52 16.17 -2.54
N LYS A 157 -30.20 15.19 -1.94
CA LYS A 157 -31.55 15.35 -1.40
C LYS A 157 -31.50 15.48 0.12
N PRO A 158 -32.62 15.91 0.78
CA PRO A 158 -32.52 16.28 2.22
C PRO A 158 -32.03 15.15 3.12
N GLU A 159 -32.17 13.90 2.68
CA GLU A 159 -31.71 12.78 3.47
C GLU A 159 -30.19 12.64 3.40
N THR A 160 -29.58 13.21 2.35
CA THR A 160 -28.14 13.07 2.15
C THR A 160 -27.34 14.05 3.02
N VAL A 161 -28.00 15.12 3.44
CA VAL A 161 -27.32 16.17 4.21
C VAL A 161 -26.66 15.61 5.45
N GLY A 162 -25.37 15.91 5.61
CA GLY A 162 -24.60 15.46 6.75
C GLY A 162 -23.81 14.19 6.48
N LYS A 163 -24.00 13.60 5.30
CA LYS A 163 -23.20 12.46 4.86
C LYS A 163 -22.48 12.73 3.53
N LEU A 164 -21.78 11.73 3.02
CA LEU A 164 -20.90 11.91 1.85
C LEU A 164 -21.69 11.72 0.55
N GLY A 165 -21.25 12.36 -0.52
CA GLY A 165 -21.87 12.22 -1.84
C GLY A 165 -21.32 11.05 -2.65
N VAL A 166 -20.00 11.06 -2.86
CA VAL A 166 -19.29 9.88 -3.33
C VAL A 166 -18.12 9.64 -2.36
N GLN A 167 -17.75 8.37 -2.22
CA GLN A 167 -16.85 7.97 -1.14
C GLN A 167 -15.37 8.12 -1.50
N LEU A 168 -14.55 8.09 -0.47
CA LEU A 168 -13.12 8.39 -0.50
C LEU A 168 -12.35 7.65 -1.62
N HIS A 169 -11.54 8.38 -2.39
CA HIS A 169 -10.79 7.74 -3.48
C HIS A 169 -9.51 8.54 -3.87
N THR A 170 -8.65 7.91 -4.68
CA THR A 170 -7.55 8.62 -5.34
C THR A 170 -7.81 8.59 -6.84
N ASP A 171 -7.50 9.67 -7.57
CA ASP A 171 -7.64 9.58 -9.02
C ASP A 171 -6.53 8.70 -9.57
N SER A 172 -6.75 8.11 -10.74
CA SER A 172 -5.81 7.11 -11.23
C SER A 172 -4.78 7.71 -12.19
N GLY A 173 -5.06 8.92 -12.68
CA GLY A 173 -4.19 9.55 -13.66
C GLY A 173 -3.03 10.26 -13.01
N PHE A 174 -2.43 11.17 -13.74
CA PHE A 174 -1.25 11.88 -13.26
C PHE A 174 -1.70 13.12 -12.46
N LEU A 175 -2.48 13.96 -13.12
CA LEU A 175 -2.89 15.22 -12.56
C LEU A 175 -4.34 15.56 -12.92
N THR A 176 -5.08 16.16 -12.00
CA THR A 176 -6.48 16.50 -12.30
C THR A 176 -6.73 17.99 -12.08
N ILE A 177 -7.40 18.64 -13.03
CA ILE A 177 -7.79 20.05 -12.84
C ILE A 177 -9.29 20.13 -12.62
N LEU A 178 -9.70 20.63 -11.46
CA LEU A 178 -11.13 20.63 -11.15
C LEU A 178 -11.66 22.05 -11.09
N GLN A 179 -12.65 22.34 -11.93
CA GLN A 179 -13.45 23.56 -11.80
C GLN A 179 -14.67 23.16 -10.97
N ASP A 180 -14.68 23.54 -9.70
CA ASP A 180 -15.68 23.02 -8.79
C ASP A 180 -16.86 24.00 -8.80
N ASP A 181 -17.99 23.66 -8.17
CA ASP A 181 -19.15 24.55 -8.17
C ASP A 181 -19.01 25.63 -7.09
N GLU A 182 -18.80 26.88 -7.49
CA GLU A 182 -18.56 27.98 -6.52
C GLU A 182 -19.68 28.13 -5.49
N ASN A 183 -20.87 27.68 -5.84
CA ASN A 183 -22.05 27.87 -5.01
C ASN A 183 -22.31 26.75 -4.01
N VAL A 184 -21.56 25.66 -4.08
CA VAL A 184 -21.84 24.51 -3.21
C VAL A 184 -20.59 23.99 -2.49
N GLY A 185 -19.70 23.35 -3.23
CA GLY A 185 -18.46 22.84 -2.64
C GLY A 185 -18.66 21.71 -1.63
N GLY A 186 -17.62 21.39 -0.88
CA GLY A 186 -17.70 20.32 0.10
C GLY A 186 -16.67 19.24 -0.13
N LEU A 187 -15.89 19.41 -1.19
CA LEU A 187 -14.77 18.53 -1.47
C LEU A 187 -13.87 18.48 -0.25
N GLU A 188 -13.36 17.30 0.09
CA GLU A 188 -12.46 17.15 1.23
C GLU A 188 -11.40 16.12 0.96
N ALA A 189 -10.28 16.26 1.65
CA ALA A 189 -9.11 15.42 1.36
C ALA A 189 -8.45 14.96 2.63
N MET A 190 -7.88 13.77 2.59
CA MET A 190 -7.19 13.23 3.73
C MET A 190 -5.75 13.71 3.81
N ASP A 191 -5.39 14.23 4.98
CA ASP A 191 -4.00 14.42 5.38
C ASP A 191 -3.42 13.05 5.74
N ASN A 192 -2.44 12.59 4.97
CA ASN A 192 -1.84 11.28 5.24
C ASN A 192 -0.99 11.18 6.53
N SER A 193 -0.74 12.29 7.22
CA SER A 193 0.10 12.24 8.42
C SER A 193 -0.70 12.23 9.70
N SER A 194 -2.03 12.23 9.57
CA SER A 194 -2.87 12.24 10.74
C SER A 194 -4.15 11.48 10.48
N GLY A 195 -4.49 11.37 9.21
CA GLY A 195 -5.77 10.79 8.83
C GLY A 195 -6.88 11.82 8.95
N THR A 196 -6.59 13.00 9.50
CA THR A 196 -7.63 14.03 9.57
C THR A 196 -7.94 14.59 8.18
N PHE A 197 -9.15 15.12 8.03
CA PHE A 197 -9.62 15.70 6.78
C PHE A 197 -9.59 17.21 6.79
N PHE A 198 -9.26 17.79 5.64
CA PHE A 198 -9.34 19.22 5.47
C PHE A 198 -10.20 19.48 4.22
N PRO A 199 -10.89 20.64 4.19
CA PRO A 199 -11.81 20.97 3.08
C PRO A 199 -11.10 21.63 1.90
N ILE A 200 -11.62 21.43 0.70
CA ILE A 200 -11.17 22.19 -0.45
C ILE A 200 -12.37 23.01 -0.94
N ASP A 201 -12.52 24.19 -0.35
CA ASP A 201 -13.64 25.08 -0.64
C ASP A 201 -13.49 25.67 -2.03
N PRO A 202 -14.62 25.83 -2.75
CA PRO A 202 -14.60 26.40 -4.12
C PRO A 202 -14.41 27.91 -4.14
N LEU A 203 -13.18 28.39 -4.07
CA LEU A 203 -12.94 29.84 -4.10
C LEU A 203 -13.11 30.37 -5.54
N PRO A 204 -13.95 31.40 -5.72
CA PRO A 204 -14.32 31.80 -7.10
C PRO A 204 -13.12 32.17 -8.00
N ASN A 205 -13.30 31.96 -9.31
CA ASN A 205 -12.21 32.01 -10.30
C ASN A 205 -10.92 31.28 -9.97
N THR A 206 -11.00 30.16 -9.26
CA THR A 206 -9.77 29.42 -8.96
C THR A 206 -10.04 28.02 -9.45
N LEU A 207 -8.98 27.26 -9.63
CA LEU A 207 -9.09 25.85 -10.01
C LEU A 207 -8.39 25.00 -8.92
N ALA A 208 -8.88 23.78 -8.69
CA ALA A 208 -8.28 22.87 -7.72
C ALA A 208 -7.44 21.83 -8.46
N ILE A 209 -6.19 21.67 -8.05
CA ILE A 209 -5.32 20.70 -8.71
C ILE A 209 -5.11 19.59 -7.74
N ASN A 210 -5.13 18.37 -8.21
CA ASN A 210 -4.70 17.31 -7.33
C ASN A 210 -3.96 16.28 -8.14
N LEU A 211 -3.09 15.54 -7.47
CA LEU A 211 -2.28 14.55 -8.17
C LEU A 211 -2.93 13.19 -7.99
N GLY A 212 -2.66 12.25 -8.90
CA GLY A 212 -3.25 10.93 -8.82
C GLY A 212 -2.22 9.79 -8.78
N ASP A 213 -2.71 8.56 -8.89
CA ASP A 213 -1.87 7.36 -8.80
C ASP A 213 -0.68 7.38 -9.76
N MET A 214 -0.87 7.89 -10.97
CA MET A 214 0.20 7.90 -11.97
C MET A 214 1.34 8.81 -11.58
N ALA A 215 1.04 9.83 -10.76
CA ALA A 215 2.08 10.77 -10.38
C ALA A 215 2.99 10.17 -9.30
N THR A 216 2.39 9.41 -8.39
CA THR A 216 3.15 8.72 -7.37
C THR A 216 4.06 7.68 -8.00
N ILE A 217 3.54 6.92 -8.96
CA ILE A 217 4.34 5.93 -9.66
C ILE A 217 5.50 6.61 -10.39
N TRP A 218 5.17 7.65 -11.15
CA TRP A 218 6.16 8.36 -11.94
C TRP A 218 7.29 8.98 -11.10
N SER A 219 6.97 9.52 -9.95
CA SER A 219 7.97 10.16 -9.10
C SER A 219 8.52 9.20 -8.04
N ASN A 220 8.30 7.90 -8.26
CA ASN A 220 8.74 6.86 -7.35
C ASN A 220 8.37 7.13 -5.90
N GLY A 221 7.10 7.47 -5.67
CA GLY A 221 6.58 7.64 -4.33
C GLY A 221 6.65 9.05 -3.76
N ARG A 222 7.22 9.99 -4.49
CA ARG A 222 7.41 11.33 -3.94
C ARG A 222 6.12 12.16 -3.99
N LEU A 223 5.47 12.19 -5.14
CA LEU A 223 4.22 12.93 -5.27
C LEU A 223 3.08 12.18 -4.55
N CYS A 224 2.29 12.90 -3.76
CA CYS A 224 1.14 12.35 -3.04
C CYS A 224 -0.12 12.14 -3.90
N ASN A 225 -0.55 10.90 -4.10
CA ASN A 225 -1.81 10.71 -4.80
C ASN A 225 -2.96 10.90 -3.80
N VAL A 226 -3.46 12.13 -3.70
CA VAL A 226 -4.29 12.48 -2.57
C VAL A 226 -5.64 11.74 -2.51
N LYS A 227 -6.04 11.40 -1.29
CA LYS A 227 -7.32 10.76 -1.05
C LYS A 227 -8.34 11.85 -0.83
N HIS A 228 -9.41 11.81 -1.59
CA HIS A 228 -10.41 12.85 -1.46
C HIS A 228 -11.84 12.34 -1.63
N ARG A 229 -12.79 13.15 -1.18
CA ARG A 229 -14.19 12.82 -1.30
C ARG A 229 -14.98 14.12 -1.27
N VAL A 230 -16.22 14.06 -1.73
CA VAL A 230 -17.12 15.21 -1.63
C VAL A 230 -18.20 14.91 -0.61
N GLN A 231 -18.34 15.81 0.35
CA GLN A 231 -19.32 15.68 1.41
C GLN A 231 -20.56 16.52 1.11
N CYS A 232 -21.73 15.99 1.44
CA CYS A 232 -22.95 16.76 1.26
C CYS A 232 -23.17 17.74 2.40
N LYS A 233 -23.34 19.02 2.09
CA LYS A 233 -23.48 20.04 3.13
C LYS A 233 -24.91 20.59 3.10
N GLU A 234 -25.54 20.48 1.94
CA GLU A 234 -26.92 20.94 1.77
C GLU A 234 -27.59 20.21 0.61
N ALA A 235 -28.88 19.89 0.77
CA ALA A 235 -29.66 19.28 -0.31
C ALA A 235 -29.75 20.23 -1.48
N THR A 236 -28.90 19.98 -2.48
CA THR A 236 -28.78 20.89 -3.60
C THR A 236 -28.24 20.20 -4.88
N MET A 237 -28.17 20.97 -5.97
CA MET A 237 -27.58 20.52 -7.22
C MET A 237 -26.19 21.09 -7.31
N ARG A 238 -25.24 20.29 -7.75
CA ARG A 238 -23.85 20.71 -7.79
C ARG A 238 -23.25 20.24 -9.12
N TYR A 239 -22.51 21.12 -9.79
CA TYR A 239 -21.91 20.80 -11.07
C TYR A 239 -20.41 21.00 -11.01
N SER A 240 -19.61 20.07 -11.51
CA SER A 240 -18.15 20.25 -11.53
C SER A 240 -17.60 19.79 -12.86
N ILE A 241 -16.50 20.42 -13.26
CA ILE A 241 -15.82 20.04 -14.48
C ILE A 241 -14.42 19.53 -14.14
N ALA A 242 -14.11 18.30 -14.53
CA ALA A 242 -12.78 17.73 -14.22
C ALA A 242 -12.03 17.40 -15.49
N SER A 243 -10.75 17.76 -15.53
CA SER A 243 -9.91 17.42 -16.67
C SER A 243 -8.72 16.61 -16.18
N PHE A 244 -8.61 15.38 -16.66
CA PHE A 244 -7.60 14.45 -16.17
C PHE A 244 -6.45 14.30 -17.15
N LEU A 245 -5.24 14.63 -16.72
CA LEU A 245 -4.07 14.24 -17.47
C LEU A 245 -3.76 12.82 -17.01
N LEU A 246 -3.82 11.88 -17.94
CA LEU A 246 -3.63 10.46 -17.61
C LEU A 246 -2.19 10.03 -17.88
N GLY A 247 -1.89 8.77 -17.63
CA GLY A 247 -0.56 8.27 -17.91
C GLY A 247 -0.44 7.85 -19.37
N PRO A 248 0.60 7.08 -19.68
CA PRO A 248 0.73 6.59 -21.06
C PRO A 248 -0.38 5.62 -21.43
N MET A 249 -0.81 5.74 -22.69
CA MET A 249 -1.80 4.87 -23.34
C MET A 249 -1.28 3.45 -23.42
N ASP A 250 -0.25 3.34 -24.28
CA ASP A 250 0.38 2.11 -24.71
C ASP A 250 1.25 1.52 -23.61
N THR A 251 2.47 2.04 -23.59
CA THR A 251 3.54 1.74 -22.63
C THR A 251 3.03 1.55 -21.22
N ASP A 252 3.74 0.76 -20.42
CA ASP A 252 3.42 0.69 -19.02
C ASP A 252 4.48 1.57 -18.35
N LEU A 253 4.00 2.60 -17.65
CA LEU A 253 4.81 3.68 -17.09
C LEU A 253 5.77 3.33 -15.94
N GLU A 254 7.06 3.53 -16.14
CA GLU A 254 7.95 3.56 -15.00
C GLU A 254 8.73 4.91 -14.87
N PRO A 255 9.34 5.20 -13.70
CA PRO A 255 9.89 6.54 -13.45
C PRO A 255 11.16 6.95 -14.21
N PRO A 256 11.31 8.24 -14.49
CA PRO A 256 12.64 8.73 -14.91
C PRO A 256 13.69 8.27 -13.89
N SER A 257 14.79 7.74 -14.39
CA SER A 257 15.89 7.19 -13.60
C SER A 257 16.26 8.05 -12.39
N GLU A 258 16.30 9.38 -12.58
CA GLU A 258 16.68 10.30 -11.52
C GLU A 258 15.96 10.06 -10.18
N PHE A 259 14.73 9.54 -10.26
CA PHE A 259 13.88 9.30 -9.10
C PHE A 259 14.17 8.01 -8.35
N VAL A 260 14.80 7.08 -9.05
CA VAL A 260 15.04 5.78 -8.46
C VAL A 260 16.50 5.58 -8.15
N ASP A 261 16.78 5.31 -6.88
CA ASP A 261 18.14 5.02 -6.49
C ASP A 261 18.17 4.26 -5.16
N ALA A 262 19.36 4.03 -4.64
CA ALA A 262 19.52 3.18 -3.46
C ALA A 262 18.71 3.67 -2.25
N GLU A 263 18.52 4.98 -2.13
CA GLU A 263 17.80 5.57 -0.99
C GLU A 263 16.30 5.78 -1.29
N HIS A 264 15.94 5.57 -2.56
CA HIS A 264 14.54 5.61 -3.03
C HIS A 264 14.31 4.41 -3.91
N PRO A 265 14.15 3.22 -3.31
CA PRO A 265 14.10 2.02 -4.15
C PRO A 265 12.90 2.05 -5.07
N ARG A 266 12.97 1.30 -6.16
CA ARG A 266 11.92 1.31 -7.17
C ARG A 266 10.67 0.71 -6.55
N LEU A 267 9.50 0.98 -7.11
CA LEU A 267 8.25 0.59 -6.47
C LEU A 267 7.55 -0.60 -7.10
N MET B 1 11.26 1.84 20.78
CA MET B 1 12.59 1.71 21.40
C MET B 1 13.23 0.39 21.01
N ILE B 2 14.35 0.48 20.30
CA ILE B 2 15.04 -0.69 19.76
C ILE B 2 16.01 -1.39 20.70
N PRO B 3 16.01 -2.73 20.63
CA PRO B 3 16.88 -3.49 21.51
C PRO B 3 18.33 -3.38 21.10
N THR B 4 19.22 -3.50 22.08
CA THR B 4 20.64 -3.59 21.79
C THR B 4 20.95 -5.04 22.06
N ILE B 5 21.48 -5.73 21.08
CA ILE B 5 21.68 -7.16 21.22
C ILE B 5 23.16 -7.45 21.27
N ASP B 6 23.56 -8.18 22.32
CA ASP B 6 24.95 -8.58 22.56
C ASP B 6 25.24 -9.84 21.79
N LEU B 7 26.07 -9.71 20.75
CA LEU B 7 26.35 -10.82 19.87
C LEU B 7 27.32 -11.83 20.47
N GLU B 8 27.84 -11.51 21.66
CA GLU B 8 28.65 -12.51 22.39
C GLU B 8 27.83 -13.21 23.48
N GLU B 9 26.51 -13.09 23.39
CA GLU B 9 25.58 -13.83 24.24
C GLU B 9 25.90 -15.30 24.01
N VAL B 10 26.13 -16.07 25.08
CA VAL B 10 26.69 -17.41 24.88
C VAL B 10 25.66 -18.42 24.38
N SER B 11 24.42 -18.26 24.84
CA SER B 11 23.38 -19.19 24.46
C SER B 11 22.83 -18.81 23.07
N ASP B 12 23.11 -19.65 22.07
CA ASP B 12 22.65 -19.44 20.73
C ASP B 12 21.12 -19.31 20.66
N LYS B 13 20.41 -20.03 21.53
CA LYS B 13 18.97 -20.05 21.40
C LYS B 13 18.40 -18.82 22.08
N ILE B 14 19.14 -18.27 23.03
CA ILE B 14 18.74 -16.98 23.59
C ILE B 14 19.07 -15.84 22.62
N LEU B 15 20.26 -15.90 22.02
CA LEU B 15 20.67 -14.87 21.06
C LEU B 15 19.73 -14.79 19.86
N ASN B 16 19.53 -15.92 19.18
CA ASN B 16 18.65 -15.98 18.03
C ASN B 16 17.24 -15.49 18.30
N GLN B 17 16.69 -15.85 19.45
CA GLN B 17 15.33 -15.44 19.78
C GLN B 17 15.29 -13.94 20.03
N LYS B 18 16.31 -13.39 20.67
CA LYS B 18 16.36 -11.94 20.83
C LYS B 18 16.40 -11.26 19.45
N ILE B 19 17.19 -11.81 18.54
CA ILE B 19 17.29 -11.25 17.18
C ILE B 19 15.94 -11.41 16.49
N ARG B 20 15.38 -12.62 16.51
CA ARG B 20 14.12 -12.89 15.82
C ARG B 20 13.00 -11.98 16.28
N GLU B 21 12.96 -11.70 17.58
CA GLU B 21 11.83 -11.00 18.14
C GLU B 21 12.00 -9.50 17.92
N ALA B 22 13.24 -9.04 17.96
CA ALA B 22 13.57 -7.68 17.55
C ALA B 22 13.16 -7.52 16.10
N SER B 23 13.52 -8.52 15.29
CA SER B 23 13.29 -8.48 13.85
C SER B 23 11.82 -8.56 13.46
N GLU B 24 10.98 -9.12 14.31
CA GLU B 24 9.58 -9.25 13.99
C GLU B 24 8.84 -8.06 14.54
N ARG B 25 9.30 -7.55 15.67
CA ARG B 25 8.55 -6.48 16.34
C ARG B 25 8.95 -5.09 15.85
N TRP B 26 10.24 -4.89 15.64
CA TRP B 26 10.75 -3.58 15.25
C TRP B 26 11.35 -3.59 13.87
N GLY B 27 11.80 -4.75 13.42
CA GLY B 27 12.42 -4.79 12.11
C GLY B 27 13.79 -4.12 12.17
N CYS B 28 14.27 -3.85 13.40
CA CYS B 28 15.60 -3.27 13.60
C CYS B 28 16.09 -3.45 15.06
N PHE B 29 17.40 -3.36 15.24
CA PHE B 29 18.09 -3.44 16.52
C PHE B 29 19.55 -2.99 16.39
N ARG B 30 20.19 -2.69 17.52
CA ARG B 30 21.64 -2.38 17.56
C ARG B 30 22.40 -3.63 17.93
N VAL B 31 23.63 -3.75 17.45
CA VAL B 31 24.46 -4.82 17.93
C VAL B 31 25.67 -4.22 18.66
N ILE B 32 26.04 -4.87 19.77
CA ILE B 32 27.30 -4.56 20.47
C ILE B 32 28.12 -5.84 20.50
N ASN B 33 29.42 -5.71 20.77
CA ASN B 33 30.34 -6.84 20.67
C ASN B 33 30.18 -7.58 19.38
N HIS B 34 30.03 -6.83 18.30
CA HIS B 34 29.78 -7.35 16.96
C HIS B 34 31.00 -7.99 16.30
N GLY B 35 32.17 -7.79 16.90
CA GLY B 35 33.40 -8.34 16.33
C GLY B 35 34.05 -7.54 15.21
N VAL B 36 33.50 -6.38 14.84
CA VAL B 36 34.17 -5.57 13.82
C VAL B 36 35.11 -4.59 14.51
N SER B 37 36.38 -4.61 14.11
CA SER B 37 37.42 -3.83 14.79
C SER B 37 37.02 -2.39 14.95
N LEU B 38 37.16 -1.83 16.15
CA LEU B 38 36.76 -0.42 16.32
C LEU B 38 37.63 0.54 15.51
N SER B 39 38.93 0.26 15.43
CA SER B 39 39.82 1.12 14.62
C SER B 39 39.53 1.01 13.13
N LEU B 40 39.17 -0.19 12.70
CA LEU B 40 38.81 -0.37 11.30
C LEU B 40 37.59 0.49 10.95
N MET B 41 36.62 0.55 11.85
CA MET B 41 35.42 1.38 11.62
C MET B 41 35.78 2.88 11.56
N ALA B 42 36.66 3.31 12.45
CA ALA B 42 37.09 4.71 12.45
C ALA B 42 37.88 5.05 11.18
N GLU B 43 38.68 4.10 10.72
CA GLU B 43 39.48 4.30 9.50
C GLU B 43 38.60 4.36 8.24
N MET B 44 37.55 3.56 8.25
CA MET B 44 36.61 3.58 7.14
C MET B 44 35.93 4.95 7.14
N LYS B 45 35.59 5.46 8.31
CA LYS B 45 34.94 6.76 8.34
C LYS B 45 35.88 7.86 7.86
N LYS B 46 37.16 7.74 8.21
CA LYS B 46 38.13 8.74 7.76
C LYS B 46 38.33 8.69 6.24
N THR B 47 38.37 7.48 5.71
CA THR B 47 38.48 7.27 4.29
C THR B 47 37.30 7.88 3.55
N VAL B 48 36.10 7.68 4.09
CA VAL B 48 34.88 8.17 3.49
C VAL B 48 34.93 9.67 3.41
N ILE B 49 35.32 10.31 4.50
CA ILE B 49 35.48 11.74 4.52
C ILE B 49 36.47 12.18 3.45
N ASP B 50 37.58 11.45 3.31
CA ASP B 50 38.58 11.81 2.29
C ASP B 50 38.09 11.59 0.85
N LEU B 51 37.46 10.45 0.59
CA LEU B 51 36.97 10.15 -0.74
C LEU B 51 35.98 11.21 -1.23
N PHE B 52 35.21 11.78 -0.31
CA PHE B 52 34.27 12.82 -0.72
C PHE B 52 35.00 14.10 -1.02
N GLN B 53 36.26 14.20 -0.63
CA GLN B 53 37.08 15.38 -0.99
C GLN B 53 37.82 15.21 -2.32
N ARG B 54 37.66 14.07 -2.97
CA ARG B 54 38.29 13.86 -4.26
C ARG B 54 37.75 14.84 -5.31
N PRO B 55 38.58 15.23 -6.30
CA PRO B 55 38.05 16.13 -7.34
C PRO B 55 36.75 15.60 -7.93
N TYR B 56 35.85 16.52 -8.29
CA TYR B 56 34.60 16.13 -8.93
C TYR B 56 34.81 15.16 -10.08
N GLU B 57 35.87 15.39 -10.84
CA GLU B 57 36.08 14.57 -12.03
C GLU B 57 36.52 13.17 -11.67
N VAL B 58 37.09 13.02 -10.49
CA VAL B 58 37.39 11.67 -10.00
C VAL B 58 36.13 10.97 -9.47
N LYS B 59 35.32 11.67 -8.69
CA LYS B 59 34.10 11.03 -8.16
C LYS B 59 33.17 10.49 -9.25
N VAL B 60 33.09 11.20 -10.39
CA VAL B 60 32.16 10.82 -11.46
C VAL B 60 32.54 9.47 -12.12
N ARG B 61 33.77 9.06 -11.89
CA ARG B 61 34.28 7.78 -12.39
C ARG B 61 33.68 6.57 -11.66
N ASN B 62 33.09 6.82 -10.50
CA ASN B 62 32.31 5.80 -9.81
C ASN B 62 30.95 5.62 -10.47
N THR B 63 30.89 4.71 -11.44
CA THR B 63 29.73 4.56 -12.32
C THR B 63 28.75 3.52 -11.81
N ASP B 64 27.48 3.70 -12.15
CA ASP B 64 26.44 2.77 -11.74
C ASP B 64 26.74 1.38 -12.25
N VAL B 65 26.32 0.38 -11.49
CA VAL B 65 26.33 -1.00 -11.94
C VAL B 65 24.89 -1.48 -11.90
N LEU B 66 24.30 -1.45 -10.71
CA LEU B 66 22.85 -1.45 -10.61
C LEU B 66 22.49 0.02 -10.73
N LEU B 67 21.29 0.37 -11.13
CA LEU B 67 20.92 1.79 -11.19
C LEU B 67 21.09 2.40 -9.81
N GLY B 68 21.79 3.53 -9.72
CA GLY B 68 21.99 4.22 -8.45
C GLY B 68 23.11 3.71 -7.53
N SER B 69 23.81 2.66 -7.93
CA SER B 69 24.82 2.06 -7.08
C SER B 69 26.12 2.86 -7.04
N GLY B 70 26.32 3.72 -8.04
CA GLY B 70 27.51 4.56 -8.13
C GLY B 70 27.34 5.97 -7.56
N TYR B 71 28.10 6.93 -8.08
CA TYR B 71 28.12 8.31 -7.57
C TYR B 71 26.83 9.08 -7.85
N ARG B 72 26.39 9.88 -6.88
CA ARG B 72 25.32 10.82 -7.11
C ARG B 72 25.74 12.07 -6.43
N ALA B 73 25.77 13.16 -7.18
CA ALA B 73 26.07 14.46 -6.62
C ALA B 73 24.79 15.10 -6.11
N PRO B 74 24.90 16.08 -5.21
CA PRO B 74 23.70 16.80 -4.79
C PRO B 74 23.06 17.46 -6.00
N ASN B 75 21.74 17.39 -6.11
CA ASN B 75 21.07 18.01 -7.25
C ASN B 75 19.76 18.63 -6.81
N GLU B 76 18.85 18.88 -7.75
CA GLU B 76 17.67 19.64 -7.38
C GLU B 76 16.64 18.68 -6.81
N ILE B 77 16.77 17.40 -7.14
CA ILE B 77 15.95 16.39 -6.47
C ILE B 77 16.39 16.15 -5.03
N ASN B 78 17.67 15.85 -4.88
CA ASN B 78 18.25 15.58 -3.56
C ASN B 78 19.35 16.57 -3.26
N PRO B 79 18.95 17.76 -2.77
CA PRO B 79 19.93 18.83 -2.58
C PRO B 79 20.91 18.58 -1.44
N TYR B 80 20.55 17.77 -0.46
CA TYR B 80 21.38 17.72 0.73
C TYR B 80 22.27 16.50 0.77
N TYR B 81 22.35 15.80 -0.34
CA TYR B 81 22.90 14.48 -0.28
C TYR B 81 23.92 14.23 -1.37
N GLU B 82 25.08 13.66 -1.01
CA GLU B 82 26.06 13.16 -1.98
C GLU B 82 26.43 11.74 -1.63
N ALA B 83 26.64 10.87 -2.62
CA ALA B 83 26.85 9.46 -2.31
C ALA B 83 27.76 8.76 -3.30
N LEU B 84 28.47 7.75 -2.82
CA LEU B 84 29.31 6.84 -3.62
C LEU B 84 29.01 5.41 -3.21
N GLY B 85 29.30 4.44 -4.08
CA GLY B 85 29.08 3.05 -3.70
C GLY B 85 29.45 1.99 -4.73
N LEU B 86 29.25 0.72 -4.38
CA LEU B 86 29.59 -0.39 -5.25
C LEU B 86 28.65 -1.56 -5.10
N TYR B 87 28.44 -2.25 -6.21
CA TYR B 87 27.63 -3.46 -6.23
C TYR B 87 28.51 -4.70 -6.02
N ASP B 88 27.94 -5.75 -5.45
CA ASP B 88 28.65 -7.02 -5.24
C ASP B 88 29.82 -6.89 -4.27
N MET B 89 29.47 -6.52 -3.04
CA MET B 89 30.41 -6.19 -2.00
C MET B 89 31.23 -7.37 -1.45
N ALA B 90 30.80 -8.60 -1.74
CA ALA B 90 31.56 -9.81 -1.36
C ALA B 90 32.69 -10.15 -2.32
N SER B 91 32.65 -9.61 -3.54
CA SER B 91 33.71 -9.81 -4.53
C SER B 91 34.89 -8.85 -4.30
N PRO B 92 36.09 -9.40 -4.04
CA PRO B 92 37.28 -8.54 -3.93
C PRO B 92 37.59 -7.74 -5.21
N HIS B 93 37.17 -8.25 -6.37
CA HIS B 93 37.38 -7.52 -7.62
C HIS B 93 36.53 -6.23 -7.63
N ALA B 94 35.29 -6.31 -7.16
CA ALA B 94 34.43 -5.11 -7.12
C ALA B 94 34.97 -4.03 -6.19
N VAL B 95 35.45 -4.42 -5.00
CA VAL B 95 35.99 -3.43 -4.06
C VAL B 95 37.21 -2.75 -4.68
N ASN B 96 38.07 -3.54 -5.30
CA ASN B 96 39.28 -2.98 -5.89
C ASN B 96 38.99 -2.06 -7.08
N THR B 97 37.97 -2.39 -7.87
CA THR B 97 37.53 -1.51 -8.98
C THR B 97 37.12 -0.16 -8.41
N PHE B 98 36.31 -0.20 -7.35
CA PHE B 98 35.85 1.01 -6.69
C PHE B 98 37.03 1.86 -6.26
N CYS B 99 38.03 1.20 -5.67
CA CYS B 99 39.27 1.87 -5.24
C CYS B 99 40.10 2.44 -6.41
N ASP B 100 40.15 1.73 -7.53
CA ASP B 100 40.76 2.31 -8.76
C ASP B 100 40.04 3.59 -9.18
N GLN B 101 38.72 3.50 -9.32
CA GLN B 101 37.91 4.64 -9.78
C GLN B 101 38.17 5.87 -8.92
N LEU B 102 38.31 5.68 -7.60
CA LEU B 102 38.39 6.84 -6.74
C LEU B 102 39.82 7.23 -6.37
N GLU B 103 40.79 6.52 -6.94
CA GLU B 103 42.22 6.76 -6.65
C GLU B 103 42.45 6.66 -5.14
N ALA B 104 42.04 5.54 -4.60
CA ALA B 104 42.25 5.27 -3.17
C ALA B 104 43.75 5.16 -2.94
N SER B 105 44.25 5.75 -1.86
CA SER B 105 45.64 5.45 -1.50
C SER B 105 45.75 3.96 -1.18
N ALA B 106 46.98 3.49 -1.01
CA ALA B 106 47.23 2.09 -0.64
C ALA B 106 46.53 1.77 0.67
N ASP B 107 46.76 2.62 1.66
CA ASP B 107 46.16 2.41 2.98
C ASP B 107 44.63 2.40 2.84
N GLN B 108 44.11 3.31 2.03
CA GLN B 108 42.65 3.43 1.91
C GLN B 108 42.10 2.19 1.27
N ARG B 109 42.86 1.61 0.34
CA ARG B 109 42.42 0.39 -0.34
C ARG B 109 42.34 -0.82 0.59
N GLU B 110 43.33 -1.02 1.45
CA GLU B 110 43.22 -2.21 2.31
C GLU B 110 42.17 -1.98 3.41
N ILE B 111 41.99 -0.73 3.83
CA ILE B 111 40.91 -0.43 4.77
C ILE B 111 39.55 -0.85 4.21
N MET B 112 39.31 -0.53 2.94
CA MET B 112 38.05 -0.83 2.29
C MET B 112 37.87 -2.32 2.11
N VAL B 113 38.94 -2.99 1.69
CA VAL B 113 38.89 -4.43 1.44
C VAL B 113 38.55 -5.16 2.72
N LYS B 114 39.14 -4.74 3.84
CA LYS B 114 38.91 -5.45 5.11
C LYS B 114 37.55 -5.15 5.72
N TYR B 115 37.11 -3.90 5.62
CA TYR B 115 35.81 -3.48 6.10
C TYR B 115 34.71 -4.23 5.36
N ALA B 116 34.79 -4.27 4.03
CA ALA B 116 33.82 -4.98 3.22
C ALA B 116 33.69 -6.42 3.71
N LYS B 117 34.84 -7.04 3.96
CA LYS B 117 34.87 -8.44 4.36
C LYS B 117 34.38 -8.64 5.80
N ALA B 118 34.71 -7.73 6.71
CA ALA B 118 34.18 -7.86 8.07
C ALA B 118 32.68 -7.58 8.07
N ILE B 119 32.26 -6.52 7.37
CA ILE B 119 30.85 -6.14 7.45
C ILE B 119 30.00 -7.17 6.73
N ASN B 120 30.49 -7.68 5.61
CA ASN B 120 29.74 -8.70 4.90
C ASN B 120 29.64 -9.99 5.71
N GLY B 121 30.66 -10.28 6.51
CA GLY B 121 30.66 -11.47 7.35
C GLY B 121 29.59 -11.34 8.41
N LEU B 122 29.50 -10.16 9.01
CA LEU B 122 28.48 -9.88 10.01
C LEU B 122 27.08 -10.00 9.42
N ALA B 123 26.91 -9.54 8.18
CA ALA B 123 25.60 -9.56 7.53
C ALA B 123 25.14 -10.99 7.32
N THR B 124 26.07 -11.84 6.93
CA THR B 124 25.75 -13.24 6.68
C THR B 124 25.52 -14.02 7.98
N ASP B 125 26.26 -13.67 9.02
CA ASP B 125 26.02 -14.25 10.35
C ASP B 125 24.62 -13.91 10.85
N LEU B 126 24.23 -12.64 10.75
CA LEU B 126 22.92 -12.23 11.23
C LEU B 126 21.80 -12.93 10.44
N ALA B 127 21.99 -13.08 9.14
CA ALA B 127 21.00 -13.77 8.30
C ALA B 127 20.84 -15.23 8.70
N ARG B 128 21.96 -15.92 8.95
CA ARG B 128 21.91 -17.33 9.35
C ARG B 128 21.15 -17.48 10.64
N LYS B 129 21.45 -16.58 11.57
CA LYS B 129 20.86 -16.60 12.88
C LYS B 129 19.34 -16.45 12.84
N LEU B 130 18.84 -15.59 11.95
CA LEU B 130 17.40 -15.44 11.76
C LEU B 130 16.79 -16.74 11.26
N ALA B 131 17.44 -17.35 10.28
CA ALA B 131 16.97 -18.63 9.74
C ALA B 131 16.99 -19.72 10.82
N GLU B 132 18.03 -19.72 11.65
CA GLU B 132 18.14 -20.69 12.73
C GLU B 132 17.03 -20.46 13.76
N SER B 133 16.65 -19.20 13.97
CA SER B 133 15.63 -18.89 14.95
C SER B 133 14.26 -19.41 14.48
N TYR B 134 14.15 -19.77 13.21
CA TYR B 134 12.93 -20.37 12.71
C TYR B 134 13.07 -21.89 12.65
N GLY B 135 14.23 -22.37 13.08
CA GLY B 135 14.53 -23.78 13.04
C GLY B 135 14.71 -24.28 11.63
N LEU B 136 15.18 -23.42 10.73
CA LEU B 136 15.34 -23.81 9.33
C LEU B 136 16.49 -24.78 9.09
N VAL B 137 16.35 -25.58 8.03
CA VAL B 137 17.37 -26.55 7.69
C VAL B 137 18.49 -25.94 6.86
N GLU B 138 18.11 -25.17 5.85
CA GLU B 138 19.07 -24.47 5.00
C GLU B 138 19.35 -23.10 5.58
N THR B 139 20.20 -23.03 6.59
CA THR B 139 20.46 -21.76 7.27
C THR B 139 21.39 -20.91 6.41
N ASP B 140 21.69 -21.40 5.22
CA ASP B 140 22.64 -20.77 4.31
C ASP B 140 21.95 -20.30 3.02
N PHE B 141 20.67 -19.99 3.16
CA PHE B 141 19.79 -19.63 2.06
C PHE B 141 20.30 -18.45 1.24
N PHE B 142 21.09 -17.59 1.88
CA PHE B 142 21.51 -16.31 1.32
C PHE B 142 22.86 -16.36 0.59
N LYS B 143 23.48 -17.53 0.51
CA LYS B 143 24.91 -17.55 0.23
C LYS B 143 25.25 -17.13 -1.21
N GLU B 144 24.24 -17.05 -2.08
CA GLU B 144 24.50 -16.53 -3.41
C GLU B 144 23.88 -15.14 -3.58
N TRP B 145 23.54 -14.51 -2.46
CA TRP B 145 22.94 -13.17 -2.50
C TRP B 145 24.01 -12.10 -2.54
N PRO B 146 23.89 -11.15 -3.49
CA PRO B 146 24.88 -10.09 -3.59
C PRO B 146 24.67 -9.06 -2.50
N SER B 147 25.74 -8.37 -2.13
CA SER B 147 25.64 -7.26 -1.19
C SER B 147 26.03 -5.94 -1.87
N GLN B 148 25.58 -4.83 -1.31
CA GLN B 148 25.86 -3.54 -1.89
C GLN B 148 26.35 -2.56 -0.84
N PHE B 149 27.44 -1.88 -1.15
CA PHE B 149 28.08 -0.92 -0.26
C PHE B 149 27.74 0.50 -0.69
N ARG B 150 27.41 1.37 0.24
CA ARG B 150 27.14 2.76 -0.08
C ARG B 150 27.56 3.70 1.03
N ILE B 151 28.25 4.79 0.68
CA ILE B 151 28.63 5.80 1.64
C ILE B 151 27.98 7.12 1.30
N ASN B 152 27.64 7.86 2.35
CA ASN B 152 26.79 9.04 2.23
C ASN B 152 27.37 10.25 2.92
N LYS B 153 27.16 11.40 2.31
CA LYS B 153 27.57 12.65 2.92
C LYS B 153 26.40 13.60 2.93
N TYR B 154 25.88 13.96 4.09
CA TYR B 154 24.75 14.91 4.11
C TYR B 154 25.23 16.29 4.44
N HIS B 155 24.83 17.26 3.63
CA HIS B 155 25.19 18.63 3.96
C HIS B 155 23.89 19.34 4.25
N PHE B 156 23.62 19.50 5.55
CA PHE B 156 22.43 20.17 5.97
C PHE B 156 22.84 21.60 6.25
N LYS B 157 22.18 22.53 5.58
CA LYS B 157 22.53 23.94 5.70
C LYS B 157 21.50 24.60 6.60
N PRO B 158 21.76 25.85 7.05
CA PRO B 158 20.93 26.33 8.17
C PRO B 158 19.43 26.38 7.91
N GLU B 159 19.02 26.51 6.66
CA GLU B 159 17.58 26.57 6.35
C GLU B 159 16.95 25.18 6.36
N THR B 160 17.78 24.15 6.23
CA THR B 160 17.30 22.78 6.12
C THR B 160 16.90 22.21 7.49
N VAL B 161 17.38 22.86 8.56
CA VAL B 161 17.09 22.44 9.93
C VAL B 161 15.59 22.39 10.23
N GLY B 162 15.14 21.27 10.80
CA GLY B 162 13.74 21.13 11.15
C GLY B 162 12.95 20.42 10.07
N LYS B 163 13.62 20.12 8.96
CA LYS B 163 13.00 19.34 7.90
C LYS B 163 13.82 18.07 7.71
N LEU B 164 13.38 17.19 6.82
CA LEU B 164 14.00 15.88 6.72
C LEU B 164 15.17 15.86 5.70
N GLY B 165 16.14 14.98 5.94
CA GLY B 165 17.28 14.82 5.05
C GLY B 165 16.97 13.86 3.92
N VAL B 166 16.54 12.65 4.30
CA VAL B 166 15.87 11.73 3.38
C VAL B 166 14.57 11.27 4.06
N GLN B 167 13.49 11.14 3.29
CA GLN B 167 12.16 10.85 3.83
C GLN B 167 11.86 9.35 3.86
N LEU B 168 10.76 9.02 4.52
CA LEU B 168 10.39 7.66 4.85
C LEU B 168 10.39 6.65 3.69
N HIS B 169 11.08 5.54 3.91
CA HIS B 169 11.21 4.48 2.93
C HIS B 169 11.55 3.17 3.67
N THR B 170 11.43 2.05 2.97
CA THR B 170 11.90 0.77 3.46
C THR B 170 13.03 0.34 2.55
N ASP B 171 14.03 -0.36 3.08
CA ASP B 171 15.05 -0.91 2.20
C ASP B 171 14.45 -2.07 1.44
N SER B 172 15.00 -2.34 0.26
CA SER B 172 14.40 -3.32 -0.62
C SER B 172 15.05 -4.68 -0.44
N GLY B 173 16.20 -4.69 0.24
CA GLY B 173 16.97 -5.92 0.40
C GLY B 173 16.52 -6.73 1.61
N PHE B 174 17.37 -7.65 2.05
CA PHE B 174 17.01 -8.50 3.17
C PHE B 174 17.36 -7.77 4.45
N LEU B 175 18.62 -7.44 4.64
CA LEU B 175 19.01 -6.73 5.88
C LEU B 175 20.10 -5.73 5.57
N THR B 176 20.11 -4.64 6.34
CA THR B 176 21.07 -3.58 6.14
C THR B 176 21.87 -3.35 7.43
N ILE B 177 23.17 -3.16 7.26
CA ILE B 177 24.06 -2.78 8.35
C ILE B 177 24.55 -1.35 8.17
N LEU B 178 24.23 -0.53 9.16
CA LEU B 178 24.53 0.86 9.12
C LEU B 178 25.56 1.29 10.15
N GLN B 179 26.65 1.90 9.69
CA GLN B 179 27.54 2.65 10.57
C GLN B 179 27.20 4.12 10.43
N ASP B 180 26.49 4.65 11.41
CA ASP B 180 25.87 5.98 11.29
C ASP B 180 26.87 6.98 11.83
N ASP B 181 26.59 8.28 11.69
CA ASP B 181 27.51 9.32 12.17
C ASP B 181 27.39 9.56 13.69
N GLU B 182 28.39 9.12 14.46
CA GLU B 182 28.31 9.21 15.93
C GLU B 182 28.11 10.64 16.46
N ASN B 183 28.59 11.64 15.72
CA ASN B 183 28.57 13.02 16.18
C ASN B 183 27.33 13.82 15.78
N VAL B 184 26.46 13.20 14.99
CA VAL B 184 25.29 13.90 14.49
C VAL B 184 24.02 13.09 14.69
N GLY B 185 23.90 11.98 13.96
CA GLY B 185 22.73 11.13 14.12
C GLY B 185 21.47 11.83 13.68
N GLY B 186 20.32 11.27 14.02
CA GLY B 186 19.02 11.83 13.64
C GLY B 186 18.16 10.84 12.85
N LEU B 187 18.70 9.65 12.63
CA LEU B 187 17.98 8.54 12.01
C LEU B 187 16.68 8.24 12.79
N GLU B 188 15.60 7.92 12.08
CA GLU B 188 14.35 7.63 12.76
C GLU B 188 13.53 6.54 12.09
N ALA B 189 12.70 5.87 12.88
CA ALA B 189 11.96 4.70 12.39
C ALA B 189 10.53 4.67 12.92
N MET B 190 9.61 4.12 12.14
CA MET B 190 8.21 3.99 12.55
C MET B 190 7.87 2.70 13.29
N ASP B 191 7.24 2.83 14.46
CA ASP B 191 6.60 1.70 15.12
C ASP B 191 5.31 1.38 14.35
N ASN B 192 5.24 0.21 13.70
CA ASN B 192 4.06 -0.15 12.90
C ASN B 192 2.78 -0.39 13.68
N SER B 193 2.88 -0.48 14.99
CA SER B 193 1.70 -0.75 15.80
C SER B 193 1.21 0.54 16.45
N SER B 194 1.85 1.65 16.11
CA SER B 194 1.46 2.91 16.73
C SER B 194 1.50 4.07 15.74
N GLY B 195 2.30 3.93 14.68
CA GLY B 195 2.45 4.99 13.71
C GLY B 195 3.36 6.10 14.18
N THR B 196 3.76 6.01 15.46
CA THR B 196 4.69 6.95 16.06
C THR B 196 6.13 6.72 15.62
N PHE B 197 6.93 7.77 15.68
CA PHE B 197 8.33 7.67 15.31
C PHE B 197 9.22 7.66 16.53
N PHE B 198 10.28 6.84 16.47
CA PHE B 198 11.30 6.83 17.51
C PHE B 198 12.68 7.00 16.89
N PRO B 199 13.62 7.62 17.64
CA PRO B 199 14.94 7.85 17.08
C PRO B 199 15.84 6.63 17.23
N ILE B 200 16.74 6.47 16.27
CA ILE B 200 17.79 5.49 16.40
C ILE B 200 19.10 6.25 16.51
N ASP B 201 19.46 6.55 17.75
CA ASP B 201 20.66 7.34 18.02
C ASP B 201 21.94 6.56 17.76
N PRO B 202 22.95 7.24 17.21
CA PRO B 202 24.24 6.61 16.93
C PRO B 202 24.99 6.34 18.23
N LEU B 203 24.74 5.20 18.86
CA LEU B 203 25.45 4.82 20.09
C LEU B 203 26.84 4.31 19.74
N PRO B 204 27.88 4.91 20.34
CA PRO B 204 29.27 4.59 19.96
C PRO B 204 29.61 3.11 20.11
N ASN B 205 30.59 2.68 19.31
CA ASN B 205 30.93 1.26 19.15
C ASN B 205 29.75 0.31 18.95
N THR B 206 28.75 0.74 18.19
CA THR B 206 27.66 -0.17 17.85
C THR B 206 27.38 -0.01 16.38
N LEU B 207 26.69 -0.98 15.80
CA LEU B 207 26.15 -0.90 14.44
C LEU B 207 24.65 -1.03 14.52
N ALA B 208 23.93 -0.39 13.61
CA ALA B 208 22.48 -0.48 13.55
C ALA B 208 22.07 -1.46 12.47
N ILE B 209 21.18 -2.36 12.83
CA ILE B 209 20.70 -3.33 11.88
C ILE B 209 19.24 -3.05 11.56
N ASN B 210 18.85 -3.18 10.30
CA ASN B 210 17.42 -3.15 9.99
C ASN B 210 17.09 -4.12 8.89
N LEU B 211 15.83 -4.54 8.86
CA LEU B 211 15.41 -5.53 7.88
C LEU B 211 14.73 -4.80 6.73
N GLY B 212 14.71 -5.42 5.55
CA GLY B 212 14.12 -4.78 4.40
C GLY B 212 13.02 -5.64 3.79
N ASP B 213 12.50 -5.18 2.66
CA ASP B 213 11.35 -5.80 1.98
C ASP B 213 11.57 -7.28 1.73
N MET B 214 12.81 -7.62 1.41
CA MET B 214 13.09 -9.02 1.09
C MET B 214 12.94 -9.95 2.33
N ALA B 215 13.10 -9.42 3.54
CA ALA B 215 12.99 -10.25 4.76
C ALA B 215 11.53 -10.54 5.05
N THR B 216 10.67 -9.56 4.78
CA THR B 216 9.22 -9.75 4.91
C THR B 216 8.76 -10.78 3.86
N ILE B 217 9.27 -10.65 2.64
CA ILE B 217 8.88 -11.58 1.59
C ILE B 217 9.32 -13.00 1.95
N TRP B 218 10.60 -13.12 2.29
CA TRP B 218 11.18 -14.41 2.62
C TRP B 218 10.48 -15.11 3.79
N SER B 219 10.09 -14.34 4.80
CA SER B 219 9.44 -14.92 5.97
C SER B 219 7.92 -14.88 5.87
N ASN B 220 7.43 -14.61 4.67
CA ASN B 220 6.00 -14.50 4.38
C ASN B 220 5.28 -13.61 5.41
N GLY B 221 5.79 -12.41 5.63
CA GLY B 221 5.15 -11.45 6.50
C GLY B 221 5.55 -11.39 7.95
N ARG B 222 6.43 -12.28 8.39
CA ARG B 222 6.79 -12.31 9.82
C ARG B 222 7.84 -11.22 10.14
N LEU B 223 8.96 -11.17 9.41
CA LEU B 223 9.96 -10.12 9.68
C LEU B 223 9.47 -8.73 9.25
N CYS B 224 9.62 -7.74 10.12
CA CYS B 224 9.23 -6.34 9.84
C CYS B 224 10.17 -5.56 8.91
N ASN B 225 9.75 -5.19 7.71
CA ASN B 225 10.56 -4.29 6.86
C ASN B 225 10.37 -2.84 7.29
N VAL B 226 11.21 -2.39 8.20
CA VAL B 226 10.94 -1.16 8.93
C VAL B 226 10.99 0.07 8.04
N LYS B 227 10.09 1.00 8.31
CA LYS B 227 10.04 2.27 7.62
C LYS B 227 10.90 3.22 8.41
N HIS B 228 11.84 3.85 7.73
CA HIS B 228 12.74 4.77 8.39
C HIS B 228 13.08 5.94 7.47
N ARG B 229 13.63 6.99 8.06
CA ARG B 229 14.05 8.20 7.35
C ARG B 229 15.15 8.86 8.16
N VAL B 230 15.86 9.80 7.56
CA VAL B 230 16.87 10.57 8.30
C VAL B 230 16.40 12.00 8.49
N GLN B 231 16.32 12.46 9.74
CA GLN B 231 15.89 13.83 9.98
C GLN B 231 17.04 14.78 10.28
N CYS B 232 16.99 15.98 9.70
CA CYS B 232 17.96 17.02 10.00
C CYS B 232 17.60 17.76 11.28
N LYS B 233 18.53 17.77 12.22
CA LYS B 233 18.32 18.32 13.55
C LYS B 233 19.28 19.48 13.81
N GLU B 234 20.37 19.51 13.05
CA GLU B 234 21.37 20.57 13.17
C GLU B 234 22.04 20.77 11.82
N ALA B 235 22.30 22.03 11.48
CA ALA B 235 23.02 22.36 10.27
C ALA B 235 24.44 21.84 10.39
N THR B 236 24.69 20.68 9.79
CA THR B 236 25.98 20.06 9.99
C THR B 236 26.36 19.18 8.81
N MET B 237 27.57 18.62 8.89
CA MET B 237 28.03 17.68 7.90
C MET B 237 27.87 16.30 8.51
N ARG B 238 27.32 15.35 7.76
CA ARG B 238 27.05 14.06 8.38
C ARG B 238 27.46 12.97 7.39
N TYR B 239 28.17 11.95 7.88
CA TYR B 239 28.65 10.86 7.03
C TYR B 239 28.14 9.53 7.50
N SER B 240 27.69 8.69 6.57
CA SER B 240 27.22 7.36 6.96
C SER B 240 27.71 6.32 5.97
N ILE B 241 27.91 5.12 6.49
CA ILE B 241 28.31 3.95 5.71
C ILE B 241 27.28 2.87 5.82
N ALA B 242 26.74 2.41 4.70
CA ALA B 242 25.71 1.38 4.75
C ALA B 242 26.08 0.17 3.92
N SER B 243 25.81 -1.01 4.47
CA SER B 243 26.04 -2.24 3.73
C SER B 243 24.75 -3.03 3.65
N PHE B 244 24.27 -3.21 2.40
CA PHE B 244 22.98 -3.82 2.11
C PHE B 244 23.18 -5.25 1.65
N LEU B 245 22.60 -6.20 2.37
CA LEU B 245 22.48 -7.56 1.85
C LEU B 245 21.23 -7.61 0.98
N LEU B 246 21.39 -7.86 -0.32
CA LEU B 246 20.25 -7.77 -1.24
C LEU B 246 19.58 -9.14 -1.31
N GLY B 247 18.55 -9.27 -2.14
CA GLY B 247 17.92 -10.55 -2.31
C GLY B 247 18.65 -11.36 -3.38
N PRO B 248 18.04 -12.47 -3.81
CA PRO B 248 18.66 -13.30 -4.85
C PRO B 248 18.73 -12.57 -6.19
N MET B 249 19.86 -12.75 -6.87
CA MET B 249 20.14 -12.17 -8.18
C MET B 249 19.14 -12.68 -9.22
N ASP B 250 18.33 -11.79 -9.77
CA ASP B 250 17.32 -12.13 -10.79
C ASP B 250 16.60 -13.46 -10.60
N THR B 251 16.02 -13.60 -9.42
CA THR B 251 15.19 -14.73 -9.07
C THR B 251 14.16 -14.11 -8.17
N ASP B 252 12.93 -14.60 -8.14
CA ASP B 252 12.08 -14.13 -7.08
C ASP B 252 12.02 -15.28 -6.11
N LEU B 253 12.60 -15.08 -4.93
CA LEU B 253 12.55 -16.08 -3.90
C LEU B 253 11.11 -16.00 -3.38
N GLU B 254 10.39 -17.10 -3.48
CA GLU B 254 9.13 -17.19 -2.74
C GLU B 254 9.45 -17.60 -1.30
N PRO B 255 8.47 -17.47 -0.38
CA PRO B 255 8.86 -17.82 0.98
C PRO B 255 9.08 -19.33 0.99
N PRO B 256 10.10 -19.84 1.71
CA PRO B 256 10.16 -21.30 1.87
C PRO B 256 8.81 -21.84 2.38
N SER B 257 8.37 -22.95 1.81
CA SER B 257 7.05 -23.55 2.09
C SER B 257 6.60 -23.47 3.56
N GLU B 258 7.51 -23.76 4.48
CA GLU B 258 7.24 -23.73 5.92
C GLU B 258 6.60 -22.42 6.40
N PHE B 259 6.93 -21.33 5.73
CA PHE B 259 6.45 -20.00 6.11
C PHE B 259 5.01 -19.73 5.64
N VAL B 260 4.57 -20.47 4.64
CA VAL B 260 3.24 -20.24 4.06
C VAL B 260 2.26 -21.36 4.46
N ASP B 261 1.13 -20.96 5.03
CA ASP B 261 0.08 -21.88 5.46
C ASP B 261 -1.28 -21.15 5.50
N ALA B 262 -2.33 -21.82 5.98
CA ALA B 262 -3.69 -21.27 5.91
C ALA B 262 -3.83 -19.92 6.59
N GLU B 263 -3.11 -19.73 7.70
CA GLU B 263 -3.18 -18.49 8.48
C GLU B 263 -2.12 -17.46 8.05
N HIS B 264 -1.23 -17.87 7.15
CA HIS B 264 -0.21 -16.99 6.59
C HIS B 264 -0.14 -17.15 5.07
N PRO B 265 -1.10 -16.52 4.35
CA PRO B 265 -1.23 -16.65 2.90
C PRO B 265 -0.05 -16.03 2.12
N ARG B 266 0.08 -16.43 0.85
CA ARG B 266 1.13 -16.03 -0.12
C ARG B 266 2.39 -16.87 0.00
N MET C 1 -16.11 1.02 17.68
CA MET C 1 -17.10 -0.04 17.80
C MET C 1 -17.65 -0.53 16.46
N ILE C 2 -17.47 -1.82 16.19
CA ILE C 2 -18.03 -2.40 14.98
C ILE C 2 -19.47 -2.81 15.33
N PRO C 3 -20.40 -2.56 14.41
CA PRO C 3 -21.85 -2.70 14.64
C PRO C 3 -22.36 -4.13 14.73
N THR C 4 -23.49 -4.25 15.41
CA THR C 4 -24.21 -5.51 15.49
C THR C 4 -25.47 -5.38 14.65
N ILE C 5 -25.66 -6.29 13.70
CA ILE C 5 -26.75 -6.18 12.72
C ILE C 5 -27.85 -7.22 12.92
N ASP C 6 -29.10 -6.75 13.01
CA ASP C 6 -30.24 -7.64 13.20
C ASP C 6 -30.70 -8.16 11.84
N LEU C 7 -30.45 -9.45 11.59
CA LEU C 7 -30.80 -10.05 10.31
C LEU C 7 -32.28 -10.36 10.20
N GLU C 8 -33.04 -10.04 11.24
CA GLU C 8 -34.49 -10.22 11.18
C GLU C 8 -35.22 -8.94 10.78
N GLU C 9 -34.50 -7.88 10.43
CA GLU C 9 -35.18 -6.66 10.02
C GLU C 9 -35.89 -6.84 8.70
N VAL C 10 -37.16 -6.43 8.67
CA VAL C 10 -38.07 -6.73 7.57
C VAL C 10 -37.71 -5.92 6.34
N SER C 11 -37.19 -4.72 6.56
CA SER C 11 -36.89 -3.84 5.44
C SER C 11 -35.56 -4.21 4.78
N ASP C 12 -35.67 -4.75 3.57
CA ASP C 12 -34.50 -5.16 2.80
C ASP C 12 -33.56 -4.01 2.55
N LYS C 13 -34.10 -2.81 2.31
CA LYS C 13 -33.22 -1.74 1.89
C LYS C 13 -32.61 -1.10 3.13
N ILE C 14 -33.26 -1.26 4.28
CA ILE C 14 -32.65 -0.84 5.55
C ILE C 14 -31.58 -1.85 5.99
N LEU C 15 -31.88 -3.13 5.87
CA LEU C 15 -30.93 -4.17 6.27
C LEU C 15 -29.65 -4.11 5.43
N ASN C 16 -29.82 -4.13 4.12
CA ASN C 16 -28.71 -4.04 3.16
C ASN C 16 -27.87 -2.78 3.37
N GLN C 17 -28.51 -1.68 3.77
CA GLN C 17 -27.77 -0.45 3.99
C GLN C 17 -26.83 -0.56 5.21
N LYS C 18 -27.34 -1.11 6.30
CA LYS C 18 -26.52 -1.29 7.50
C LYS C 18 -25.39 -2.26 7.20
N ILE C 19 -25.70 -3.33 6.48
CA ILE C 19 -24.67 -4.29 6.10
C ILE C 19 -23.61 -3.69 5.21
N ARG C 20 -24.03 -2.95 4.18
CA ARG C 20 -23.11 -2.41 3.17
C ARG C 20 -22.03 -1.46 3.71
N GLU C 21 -22.42 -0.53 4.59
CA GLU C 21 -21.42 0.44 5.06
C GLU C 21 -20.71 -0.05 6.33
N ALA C 22 -21.41 -0.83 7.16
CA ALA C 22 -20.71 -1.53 8.24
C ALA C 22 -19.57 -2.32 7.61
N SER C 23 -19.82 -2.93 6.45
CA SER C 23 -18.82 -3.75 5.74
C SER C 23 -17.65 -2.85 5.25
N GLU C 24 -17.64 -1.58 5.68
CA GLU C 24 -16.63 -0.63 5.18
C GLU C 24 -16.06 0.44 6.11
N CYS C 28 -15.53 -5.44 8.20
CA CYS C 28 -16.09 -6.39 9.15
C CYS C 28 -17.23 -5.78 9.97
N PHE C 29 -18.06 -6.66 10.55
CA PHE C 29 -19.19 -6.30 11.40
C PHE C 29 -19.67 -7.56 12.13
N ARG C 30 -20.50 -7.42 13.18
CA ARG C 30 -21.09 -8.58 13.88
C ARG C 30 -22.58 -8.79 13.56
N VAL C 31 -23.05 -10.04 13.58
CA VAL C 31 -24.47 -10.37 13.36
C VAL C 31 -25.18 -11.06 14.52
N ILE C 32 -26.45 -10.69 14.75
CA ILE C 32 -27.32 -11.42 15.69
C ILE C 32 -28.59 -11.84 14.96
N ASN C 33 -29.35 -12.79 15.52
CA ASN C 33 -30.49 -13.40 14.83
C ASN C 33 -30.09 -13.99 13.48
N HIS C 34 -29.05 -14.83 13.53
CA HIS C 34 -28.43 -15.40 12.35
C HIS C 34 -29.32 -16.38 11.60
N GLY C 35 -30.30 -16.94 12.29
CA GLY C 35 -31.10 -18.01 11.74
C GLY C 35 -30.31 -19.31 11.90
N VAL C 36 -29.13 -19.18 12.50
CA VAL C 36 -28.29 -20.33 12.79
C VAL C 36 -28.61 -20.84 14.20
N SER C 37 -29.02 -22.10 14.28
CA SER C 37 -29.43 -22.70 15.55
C SER C 37 -28.35 -22.59 16.62
N LEU C 38 -28.73 -22.08 17.79
CA LEU C 38 -27.78 -21.93 18.91
C LEU C 38 -27.41 -23.24 19.59
N SER C 39 -28.36 -24.18 19.67
CA SER C 39 -28.08 -25.50 20.23
C SER C 39 -27.07 -26.18 19.31
N LEU C 40 -27.24 -25.93 18.01
CA LEU C 40 -26.32 -26.43 16.98
C LEU C 40 -24.92 -25.78 17.12
N MET C 41 -24.86 -24.48 17.42
CA MET C 41 -23.58 -23.80 17.65
C MET C 41 -22.86 -24.33 18.90
N ALA C 42 -23.61 -24.63 19.96
CA ALA C 42 -23.01 -25.14 21.20
C ALA C 42 -22.46 -26.55 21.01
N GLU C 43 -23.18 -27.36 20.24
CA GLU C 43 -22.76 -28.72 19.91
C GLU C 43 -21.51 -28.72 19.05
N MET C 44 -21.41 -27.75 18.15
CA MET C 44 -20.26 -27.68 17.28
C MET C 44 -18.97 -27.37 18.04
N LYS C 45 -19.00 -26.43 18.98
CA LYS C 45 -17.79 -26.07 19.70
C LYS C 45 -17.29 -27.21 20.60
N LYS C 46 -18.21 -27.93 21.24
CA LYS C 46 -17.81 -29.03 22.09
C LYS C 46 -17.22 -30.12 21.19
N THR C 47 -17.83 -30.30 20.02
CA THR C 47 -17.33 -31.26 19.03
C THR C 47 -15.90 -30.94 18.61
N VAL C 48 -15.63 -29.66 18.38
CA VAL C 48 -14.30 -29.25 17.98
C VAL C 48 -13.29 -29.61 19.08
N ILE C 49 -13.66 -29.38 20.34
CA ILE C 49 -12.77 -29.66 21.47
C ILE C 49 -12.31 -31.10 21.45
N ASP C 50 -13.29 -31.96 21.20
CA ASP C 50 -13.10 -33.39 21.18
C ASP C 50 -12.20 -33.79 20.00
N LEU C 51 -12.42 -33.17 18.85
CA LEU C 51 -11.63 -33.46 17.65
C LEU C 51 -10.15 -33.19 17.89
N PHE C 52 -9.86 -32.13 18.64
CA PHE C 52 -8.48 -31.76 18.95
C PHE C 52 -7.87 -32.69 20.00
N GLN C 53 -8.71 -33.46 20.68
CA GLN C 53 -8.26 -34.43 21.68
C GLN C 53 -7.96 -35.82 21.10
N ARG C 54 -8.26 -36.02 19.82
CA ARG C 54 -7.92 -37.29 19.17
C ARG C 54 -6.42 -37.48 18.97
N PRO C 55 -5.97 -38.75 18.96
CA PRO C 55 -4.58 -39.12 18.72
C PRO C 55 -3.98 -38.46 17.47
N TYR C 56 -2.68 -38.18 17.53
CA TYR C 56 -1.93 -37.67 16.41
C TYR C 56 -2.17 -38.49 15.15
N GLU C 57 -2.29 -39.81 15.27
CA GLU C 57 -2.48 -40.61 14.06
C GLU C 57 -3.90 -40.43 13.51
N VAL C 58 -4.84 -40.05 14.36
CA VAL C 58 -6.16 -39.73 13.83
C VAL C 58 -6.13 -38.34 13.16
N LYS C 59 -5.56 -37.37 13.87
CA LYS C 59 -5.49 -36.00 13.38
C LYS C 59 -4.68 -35.91 12.07
N VAL C 60 -3.62 -36.70 11.94
CA VAL C 60 -2.84 -36.68 10.70
C VAL C 60 -3.64 -37.24 9.53
N ARG C 61 -4.76 -37.91 9.78
CA ARG C 61 -5.56 -38.40 8.64
C ARG C 61 -6.32 -37.23 7.99
N ASN C 62 -6.42 -36.11 8.70
CA ASN C 62 -6.99 -34.88 8.14
C ASN C 62 -6.03 -34.25 7.14
N THR C 63 -6.14 -34.69 5.89
CA THR C 63 -5.20 -34.34 4.84
C THR C 63 -5.63 -33.12 4.01
N ASP C 64 -4.63 -32.45 3.42
CA ASP C 64 -4.86 -31.31 2.53
C ASP C 64 -5.65 -31.66 1.29
N VAL C 65 -6.45 -30.70 0.81
CA VAL C 65 -7.05 -30.76 -0.52
C VAL C 65 -6.56 -29.51 -1.22
N LEU C 66 -6.94 -28.36 -0.68
CA LEU C 66 -6.20 -27.14 -0.96
C LEU C 66 -5.04 -27.09 0.03
N LEU C 67 -3.96 -26.40 -0.32
CA LEU C 67 -2.80 -26.36 0.58
C LEU C 67 -3.15 -25.72 1.92
N GLY C 68 -2.74 -26.40 2.99
CA GLY C 68 -2.99 -25.89 4.33
C GLY C 68 -4.39 -26.14 4.83
N SER C 69 -5.22 -26.79 4.03
CA SER C 69 -6.62 -27.02 4.40
C SER C 69 -6.75 -28.16 5.39
N GLY C 70 -5.71 -28.99 5.50
CA GLY C 70 -5.76 -30.13 6.41
C GLY C 70 -5.18 -29.86 7.78
N TYR C 71 -4.73 -30.92 8.45
CA TYR C 71 -4.18 -30.80 9.80
C TYR C 71 -2.82 -30.11 9.84
N ARG C 72 -2.62 -29.24 10.82
CA ARG C 72 -1.31 -28.64 11.11
C ARG C 72 -1.08 -28.68 12.61
N ALA C 73 0.03 -29.28 13.02
CA ALA C 73 0.46 -29.27 14.42
C ALA C 73 1.39 -28.08 14.68
N PRO C 74 1.49 -27.64 15.95
CA PRO C 74 2.44 -26.56 16.29
C PRO C 74 3.89 -26.92 15.95
N ASN C 75 4.65 -25.95 15.45
CA ASN C 75 6.08 -26.10 15.18
C ASN C 75 6.77 -24.82 15.62
N GLU C 76 8.01 -24.55 15.22
CA GLU C 76 8.67 -23.38 15.82
C GLU C 76 8.45 -22.09 15.02
N ILE C 77 8.05 -22.22 13.76
CA ILE C 77 7.59 -21.06 13.03
C ILE C 77 6.26 -20.64 13.67
N ASN C 78 5.33 -21.58 13.82
CA ASN C 78 4.04 -21.30 14.46
C ASN C 78 3.88 -22.08 15.77
N PRO C 79 4.43 -21.56 16.87
CA PRO C 79 4.48 -22.30 18.14
C PRO C 79 3.16 -22.52 18.87
N TYR C 80 2.17 -21.65 18.70
CA TYR C 80 1.02 -21.71 19.60
C TYR C 80 -0.28 -22.31 19.07
N TYR C 81 -0.29 -22.83 17.85
CA TYR C 81 -1.56 -23.27 17.30
C TYR C 81 -1.48 -24.59 16.52
N GLU C 82 -2.53 -25.40 16.68
CA GLU C 82 -2.78 -26.58 15.87
C GLU C 82 -4.16 -26.38 15.21
N ALA C 83 -4.35 -26.93 14.01
CA ALA C 83 -5.58 -26.66 13.29
C ALA C 83 -6.07 -27.85 12.45
N LEU C 84 -7.39 -27.91 12.26
CA LEU C 84 -7.99 -28.92 11.41
C LEU C 84 -8.94 -28.28 10.38
N GLY C 85 -9.17 -28.94 9.26
CA GLY C 85 -10.12 -28.38 8.31
C GLY C 85 -10.39 -29.12 7.02
N LEU C 86 -11.31 -28.56 6.25
CA LEU C 86 -11.74 -29.19 5.01
C LEU C 86 -12.06 -28.14 3.93
N TYR C 87 -11.69 -28.47 2.70
CA TYR C 87 -11.96 -27.59 1.59
C TYR C 87 -13.31 -27.95 1.01
N ASP C 88 -13.99 -26.95 0.45
CA ASP C 88 -15.28 -27.11 -0.21
C ASP C 88 -16.35 -27.57 0.78
N MET C 89 -16.59 -26.76 1.81
CA MET C 89 -17.47 -27.17 2.90
C MET C 89 -18.94 -27.20 2.50
N ALA C 90 -19.24 -26.75 1.29
CA ALA C 90 -20.61 -26.82 0.77
C ALA C 90 -20.98 -28.23 0.30
N SER C 91 -19.99 -29.06 -0.04
CA SER C 91 -20.25 -30.46 -0.40
C SER C 91 -20.41 -31.32 0.84
N PRO C 92 -21.59 -31.95 1.02
CA PRO C 92 -21.78 -32.91 2.12
C PRO C 92 -20.78 -34.08 2.00
N HIS C 93 -20.33 -34.38 0.78
CA HIS C 93 -19.32 -35.42 0.56
C HIS C 93 -17.99 -34.99 1.17
N ALA C 94 -17.62 -33.73 0.96
CA ALA C 94 -16.41 -33.20 1.56
C ALA C 94 -16.52 -33.21 3.09
N VAL C 95 -17.68 -32.82 3.59
CA VAL C 95 -17.89 -32.74 5.02
C VAL C 95 -17.79 -34.14 5.65
N ASN C 96 -18.41 -35.12 5.01
CA ASN C 96 -18.39 -36.51 5.49
C ASN C 96 -17.02 -37.15 5.38
N THR C 97 -16.26 -36.83 4.34
CA THR C 97 -14.89 -37.32 4.22
C THR C 97 -14.08 -36.87 5.42
N PHE C 98 -14.22 -35.60 5.80
CA PHE C 98 -13.60 -35.05 7.00
C PHE C 98 -14.01 -35.79 8.28
N CYS C 99 -15.30 -36.06 8.43
CA CYS C 99 -15.77 -36.78 9.60
C CYS C 99 -15.19 -38.19 9.64
N ASP C 100 -15.08 -38.82 8.46
CA ASP C 100 -14.41 -40.11 8.32
C ASP C 100 -12.97 -40.02 8.81
N GLN C 101 -12.22 -39.06 8.28
CA GLN C 101 -10.82 -38.87 8.64
C GLN C 101 -10.57 -38.71 10.14
N LEU C 102 -11.44 -37.96 10.83
CA LEU C 102 -11.23 -37.72 12.26
C LEU C 102 -12.09 -38.68 13.08
N GLU C 103 -12.76 -39.60 12.39
CA GLU C 103 -13.57 -40.62 13.05
C GLU C 103 -14.59 -40.01 13.99
N ALA C 104 -15.42 -39.13 13.43
CA ALA C 104 -16.51 -38.52 14.18
C ALA C 104 -17.51 -39.57 14.60
N SER C 105 -18.00 -39.42 15.83
CA SER C 105 -19.12 -40.22 16.35
C SER C 105 -20.40 -39.99 15.56
N ALA C 106 -21.44 -40.75 15.87
CA ALA C 106 -22.74 -40.60 15.19
C ALA C 106 -23.28 -39.20 15.38
N ASP C 107 -23.44 -38.78 16.63
CA ASP C 107 -23.94 -37.44 16.93
C ASP C 107 -23.02 -36.35 16.38
N GLN C 108 -21.70 -36.51 16.54
CA GLN C 108 -20.77 -35.46 16.07
C GLN C 108 -20.76 -35.29 14.55
N ARG C 109 -20.96 -36.36 13.80
CA ARG C 109 -21.01 -36.23 12.35
C ARG C 109 -22.20 -35.37 11.93
N GLU C 110 -23.36 -35.56 12.58
CA GLU C 110 -24.52 -34.77 12.19
C GLU C 110 -24.43 -33.30 12.57
N ILE C 111 -23.76 -33.02 13.69
CA ILE C 111 -23.56 -31.65 14.10
C ILE C 111 -22.83 -30.91 12.99
N MET C 112 -21.78 -31.54 12.48
CA MET C 112 -20.96 -30.91 11.46
C MET C 112 -21.67 -30.71 10.12
N VAL C 113 -22.43 -31.70 9.68
CA VAL C 113 -23.11 -31.56 8.40
C VAL C 113 -24.16 -30.44 8.48
N LYS C 114 -24.87 -30.36 9.61
CA LYS C 114 -25.90 -29.36 9.79
C LYS C 114 -25.26 -28.01 10.00
N TYR C 115 -24.17 -28.01 10.76
CA TYR C 115 -23.40 -26.79 10.95
C TYR C 115 -22.82 -26.27 9.62
N ALA C 116 -22.22 -27.15 8.83
CA ALA C 116 -21.66 -26.77 7.54
C ALA C 116 -22.70 -26.09 6.66
N LYS C 117 -23.90 -26.68 6.58
CA LYS C 117 -24.90 -26.18 5.66
C LYS C 117 -25.56 -24.90 6.20
N ALA C 118 -25.73 -24.83 7.52
CA ALA C 118 -26.29 -23.63 8.15
C ALA C 118 -25.36 -22.45 8.02
N ILE C 119 -24.07 -22.65 8.24
CA ILE C 119 -23.13 -21.55 8.17
C ILE C 119 -22.96 -21.12 6.70
N ASN C 120 -22.92 -22.10 5.80
CA ASN C 120 -22.81 -21.80 4.38
C ASN C 120 -24.06 -21.10 3.82
N GLY C 121 -25.22 -21.41 4.38
CA GLY C 121 -26.45 -20.77 3.94
C GLY C 121 -26.43 -19.29 4.31
N LEU C 122 -25.99 -19.02 5.53
CA LEU C 122 -25.83 -17.65 6.02
C LEU C 122 -24.77 -16.86 5.23
N ALA C 123 -23.68 -17.52 4.87
CA ALA C 123 -22.57 -16.86 4.16
C ALA C 123 -23.02 -16.40 2.78
N THR C 124 -23.83 -17.24 2.16
CA THR C 124 -24.36 -16.93 0.84
C THR C 124 -25.43 -15.84 0.95
N ASP C 125 -26.23 -15.85 2.03
CA ASP C 125 -27.19 -14.78 2.27
C ASP C 125 -26.49 -13.43 2.37
N LEU C 126 -25.43 -13.39 3.17
CA LEU C 126 -24.69 -12.16 3.33
C LEU C 126 -24.08 -11.67 2.02
N ALA C 127 -23.53 -12.59 1.26
CA ALA C 127 -22.89 -12.22 0.02
C ALA C 127 -23.93 -11.62 -0.95
N ARG C 128 -25.10 -12.26 -1.01
CA ARG C 128 -26.13 -11.76 -1.90
C ARG C 128 -26.52 -10.35 -1.47
N LYS C 129 -26.72 -10.18 -0.16
CA LYS C 129 -27.15 -8.88 0.36
C LYS C 129 -26.14 -7.80 0.00
N LEU C 130 -24.86 -8.15 -0.02
CA LEU C 130 -23.86 -7.21 -0.48
C LEU C 130 -24.09 -6.81 -1.93
N ALA C 131 -24.38 -7.78 -2.80
CA ALA C 131 -24.63 -7.48 -4.20
C ALA C 131 -25.88 -6.58 -4.33
N GLU C 132 -26.90 -6.89 -3.55
CA GLU C 132 -28.14 -6.13 -3.57
C GLU C 132 -27.96 -4.70 -3.08
N SER C 133 -27.06 -4.51 -2.12
CA SER C 133 -26.86 -3.20 -1.53
C SER C 133 -26.20 -2.29 -2.54
N TYR C 134 -25.60 -2.87 -3.57
CA TYR C 134 -24.99 -2.08 -4.63
C TYR C 134 -25.89 -2.00 -5.87
N GLY C 135 -27.08 -2.59 -5.79
CA GLY C 135 -28.01 -2.61 -6.90
C GLY C 135 -27.45 -3.43 -8.05
N LEU C 136 -26.64 -4.43 -7.74
CA LEU C 136 -25.99 -5.24 -8.77
C LEU C 136 -26.96 -6.20 -9.46
N VAL C 137 -26.66 -6.51 -10.71
CA VAL C 137 -27.41 -7.49 -11.49
C VAL C 137 -26.86 -8.90 -11.20
N GLU C 138 -25.56 -9.01 -10.90
CA GLU C 138 -24.97 -10.32 -10.60
C GLU C 138 -25.21 -10.73 -9.12
N THR C 139 -26.43 -11.12 -8.80
CA THR C 139 -26.77 -11.45 -7.42
C THR C 139 -26.37 -12.88 -7.06
N ASP C 140 -25.77 -13.58 -8.03
CA ASP C 140 -25.36 -14.97 -7.84
C ASP C 140 -23.87 -15.12 -8.05
N PHE C 141 -23.13 -14.01 -7.90
CA PHE C 141 -21.74 -13.94 -8.33
C PHE C 141 -20.86 -15.01 -7.67
N PHE C 142 -21.30 -15.43 -6.49
CA PHE C 142 -20.52 -16.28 -5.60
C PHE C 142 -20.80 -17.77 -5.77
N LYS C 143 -21.75 -18.12 -6.64
CA LYS C 143 -22.33 -19.46 -6.52
C LYS C 143 -21.46 -20.59 -7.03
N GLU C 144 -20.35 -20.27 -7.69
CA GLU C 144 -19.40 -21.31 -8.06
C GLU C 144 -18.18 -21.21 -7.15
N TRP C 145 -18.31 -20.42 -6.09
CA TRP C 145 -17.19 -20.19 -5.17
C TRP C 145 -17.20 -21.20 -4.04
N PRO C 146 -16.07 -21.88 -3.82
CA PRO C 146 -15.93 -22.83 -2.71
C PRO C 146 -15.71 -22.15 -1.37
N SER C 147 -16.10 -22.85 -0.32
CA SER C 147 -15.90 -22.37 1.04
C SER C 147 -14.92 -23.28 1.78
N GLN C 148 -14.34 -22.78 2.85
CA GLN C 148 -13.36 -23.58 3.57
C GLN C 148 -13.58 -23.51 5.06
N PHE C 149 -13.53 -24.67 5.72
CA PHE C 149 -13.72 -24.76 7.17
C PHE C 149 -12.35 -24.95 7.85
N ARG C 150 -12.10 -24.22 8.91
CA ARG C 150 -10.89 -24.39 9.70
C ARG C 150 -11.15 -24.08 11.15
N ILE C 151 -10.70 -24.98 12.01
CA ILE C 151 -10.78 -24.80 13.46
C ILE C 151 -9.38 -24.76 14.04
N ASN C 152 -9.19 -23.91 15.04
CA ASN C 152 -7.87 -23.67 15.61
C ASN C 152 -7.86 -23.81 17.12
N LYS C 153 -6.76 -24.36 17.63
CA LYS C 153 -6.58 -24.49 19.06
C LYS C 153 -5.30 -23.75 19.41
N TYR C 154 -5.46 -22.64 20.12
CA TYR C 154 -4.33 -21.84 20.55
C TYR C 154 -3.98 -22.09 22.01
N HIS C 155 -2.70 -22.36 22.26
CA HIS C 155 -2.18 -22.55 23.61
C HIS C 155 -1.20 -21.44 23.98
N PHE C 156 -1.67 -20.47 24.76
CA PHE C 156 -0.82 -19.39 25.24
C PHE C 156 -0.42 -19.61 26.70
N GLN C 167 0.08 -12.61 14.30
CA GLN C 167 0.38 -11.24 13.88
C GLN C 167 -0.73 -10.70 12.98
N LEU C 168 -0.81 -9.37 12.88
CA LEU C 168 -1.83 -8.66 12.10
C LEU C 168 -1.94 -9.18 10.66
N HIS C 169 -3.15 -9.46 10.22
CA HIS C 169 -3.36 -10.01 8.87
C HIS C 169 -4.72 -9.70 8.29
N THR C 170 -4.85 -9.92 6.99
CA THR C 170 -6.15 -9.90 6.31
C THR C 170 -6.49 -11.29 5.83
N ASP C 171 -7.74 -11.73 5.98
CA ASP C 171 -8.10 -13.03 5.41
C ASP C 171 -8.07 -12.83 3.91
N SER C 172 -7.75 -13.89 3.17
CA SER C 172 -7.47 -13.77 1.75
C SER C 172 -8.69 -14.06 0.86
N GLY C 173 -9.73 -14.62 1.46
CA GLY C 173 -10.94 -14.98 0.72
C GLY C 173 -11.89 -13.79 0.63
N PHE C 174 -13.14 -14.08 0.34
CA PHE C 174 -14.14 -13.03 0.18
C PHE C 174 -14.74 -12.62 1.49
N LEU C 175 -15.30 -13.61 2.19
CA LEU C 175 -16.01 -13.32 3.42
C LEU C 175 -15.76 -14.44 4.42
N THR C 176 -15.70 -14.09 5.70
CA THR C 176 -15.45 -15.05 6.78
C THR C 176 -16.49 -15.01 7.86
N ILE C 177 -17.00 -16.18 8.25
CA ILE C 177 -17.89 -16.27 9.38
C ILE C 177 -17.15 -16.96 10.51
N LEU C 178 -16.99 -16.23 11.60
CA LEU C 178 -16.20 -16.70 12.71
C LEU C 178 -17.11 -16.90 13.91
N GLN C 179 -17.16 -18.13 14.41
CA GLN C 179 -17.72 -18.40 15.73
C GLN C 179 -16.56 -18.48 16.71
N ASP C 180 -16.34 -17.41 17.46
CA ASP C 180 -15.13 -17.34 18.26
C ASP C 180 -15.43 -17.90 19.65
N ASP C 181 -14.37 -18.07 20.44
CA ASP C 181 -14.47 -18.62 21.78
C ASP C 181 -14.99 -17.55 22.73
N GLU C 182 -16.23 -17.76 23.16
CA GLU C 182 -16.97 -16.84 24.00
C GLU C 182 -16.26 -16.51 25.31
N ASN C 183 -15.38 -17.41 25.76
CA ASN C 183 -14.77 -17.26 27.07
C ASN C 183 -13.47 -16.45 27.05
N VAL C 184 -12.99 -16.15 25.84
CA VAL C 184 -11.75 -15.39 25.67
C VAL C 184 -11.95 -14.30 24.61
N LEU C 187 -9.08 -10.57 20.85
CA LEU C 187 -9.12 -10.12 19.45
C LEU C 187 -10.01 -8.91 19.20
N GLU C 188 -9.48 -7.99 18.42
CA GLU C 188 -10.25 -6.86 17.90
C GLU C 188 -9.52 -6.39 16.63
N ALA C 189 -10.05 -5.39 15.93
CA ALA C 189 -9.56 -5.10 14.60
C ALA C 189 -9.18 -3.63 14.36
N MET C 190 -8.14 -3.45 13.55
CA MET C 190 -7.58 -2.13 13.25
C MET C 190 -8.30 -1.47 12.06
N LEU C 203 -18.05 -11.09 21.97
CA LEU C 203 -19.49 -10.98 22.15
C LEU C 203 -20.24 -12.30 21.98
N PRO C 204 -20.93 -12.77 23.03
CA PRO C 204 -21.67 -14.05 23.13
C PRO C 204 -22.90 -14.18 22.23
N ASN C 205 -23.33 -15.42 21.97
CA ASN C 205 -24.49 -15.74 21.13
C ASN C 205 -24.58 -14.97 19.80
N THR C 206 -23.44 -14.69 19.22
CA THR C 206 -23.40 -14.00 17.95
C THR C 206 -22.37 -14.67 17.05
N LEU C 207 -22.40 -14.30 15.78
CA LEU C 207 -21.36 -14.74 14.88
C LEU C 207 -20.66 -13.48 14.43
N ALA C 208 -19.37 -13.59 14.18
CA ALA C 208 -18.60 -12.48 13.67
C ALA C 208 -18.40 -12.68 12.19
N ILE C 209 -18.69 -11.63 11.42
CA ILE C 209 -18.50 -11.61 9.98
C ILE C 209 -17.37 -10.66 9.66
N ASN C 210 -16.50 -11.01 8.72
CA ASN C 210 -15.53 -10.04 8.22
C ASN C 210 -15.20 -10.28 6.75
N LEU C 211 -14.72 -9.23 6.08
CA LEU C 211 -14.42 -9.33 4.67
C LEU C 211 -12.92 -9.46 4.43
N GLY C 212 -12.56 -10.08 3.32
CA GLY C 212 -11.17 -10.32 2.99
C GLY C 212 -10.74 -9.76 1.66
N ASP C 213 -9.53 -10.14 1.26
CA ASP C 213 -8.90 -9.64 0.05
C ASP C 213 -9.78 -9.77 -1.22
N MET C 214 -10.53 -10.86 -1.34
CA MET C 214 -11.35 -11.07 -2.53
C MET C 214 -12.51 -10.07 -2.58
N ALA C 215 -12.92 -9.58 -1.41
CA ALA C 215 -14.02 -8.64 -1.29
C ALA C 215 -13.60 -7.24 -1.74
N THR C 216 -12.36 -6.87 -1.41
CA THR C 216 -11.77 -5.61 -1.85
C THR C 216 -11.56 -5.60 -3.36
N ILE C 217 -11.00 -6.69 -3.88
CA ILE C 217 -10.79 -6.81 -5.32
C ILE C 217 -12.10 -6.81 -6.11
N TRP C 218 -13.05 -7.63 -5.68
CA TRP C 218 -14.36 -7.78 -6.33
C TRP C 218 -15.17 -6.48 -6.38
N SER C 219 -15.10 -5.69 -5.32
CA SER C 219 -15.84 -4.44 -5.24
C SER C 219 -15.01 -3.25 -5.73
N ASN C 220 -14.00 -3.52 -6.54
CA ASN C 220 -13.11 -2.49 -7.05
C ASN C 220 -12.50 -1.57 -5.99
N GLY C 221 -11.93 -2.17 -4.96
CA GLY C 221 -11.21 -1.37 -3.99
C GLY C 221 -12.16 -0.87 -2.92
N ARG C 222 -13.45 -1.14 -3.06
CA ARG C 222 -14.35 -0.57 -2.06
C ARG C 222 -14.28 -1.36 -0.79
N LEU C 223 -14.81 -2.59 -0.77
CA LEU C 223 -14.92 -3.38 0.49
C LEU C 223 -13.62 -3.50 1.33
N CYS C 224 -13.74 -3.33 2.66
CA CYS C 224 -12.59 -3.37 3.61
C CYS C 224 -12.04 -4.77 3.88
N ASN C 225 -10.82 -5.03 3.40
CA ASN C 225 -10.13 -6.24 3.80
C ASN C 225 -9.50 -6.00 5.17
N VAL C 226 -10.26 -6.33 6.22
CA VAL C 226 -9.98 -5.93 7.61
C VAL C 226 -8.69 -6.47 8.26
N LYS C 227 -8.09 -5.63 9.11
CA LYS C 227 -6.91 -6.00 9.92
C LYS C 227 -7.36 -6.50 11.29
N HIS C 228 -6.98 -7.72 11.67
CA HIS C 228 -7.37 -8.21 12.99
C HIS C 228 -6.30 -9.15 13.53
N ARG C 229 -6.37 -9.42 14.83
CA ARG C 229 -5.45 -10.31 15.51
C ARG C 229 -6.02 -10.81 16.83
N THR C 236 -3.96 -19.19 28.46
CA THR C 236 -5.18 -20.00 28.43
C THR C 236 -5.24 -20.79 27.11
N MET C 237 -6.31 -21.56 26.94
CA MET C 237 -6.58 -22.27 25.70
C MET C 237 -7.63 -21.48 24.90
N ARG C 238 -7.41 -21.33 23.59
CA ARG C 238 -8.31 -20.53 22.76
C ARG C 238 -8.67 -21.28 21.49
N TYR C 239 -9.98 -21.33 21.22
CA TYR C 239 -10.54 -22.07 20.09
C TYR C 239 -11.27 -21.15 19.10
N SER C 240 -11.07 -21.40 17.81
CA SER C 240 -11.72 -20.61 16.78
C SER C 240 -12.35 -21.55 15.78
N ILE C 241 -13.58 -21.22 15.37
CA ILE C 241 -14.24 -21.95 14.31
C ILE C 241 -14.53 -20.99 13.17
N ALA C 242 -13.87 -21.21 12.03
CA ALA C 242 -13.99 -20.29 10.90
C ALA C 242 -14.45 -20.94 9.59
N SER C 243 -15.37 -20.27 8.92
CA SER C 243 -15.82 -20.70 7.61
C SER C 243 -15.51 -19.59 6.62
N PHE C 244 -14.65 -19.91 5.67
CA PHE C 244 -14.15 -18.95 4.69
C PHE C 244 -14.85 -19.17 3.37
N LEU C 245 -15.59 -18.15 2.91
CA LEU C 245 -16.06 -18.11 1.53
C LEU C 245 -14.92 -17.58 0.68
N LEU C 246 -14.43 -18.41 -0.23
CA LEU C 246 -13.24 -18.08 -0.99
C LEU C 246 -13.60 -17.40 -2.31
N GLY C 247 -12.60 -17.06 -3.11
CA GLY C 247 -12.84 -16.48 -4.42
C GLY C 247 -13.07 -17.55 -5.46
N PRO C 248 -12.99 -17.19 -6.76
CA PRO C 248 -13.17 -18.17 -7.84
C PRO C 248 -12.08 -19.24 -7.84
N MET C 249 -12.49 -20.44 -8.24
CA MET C 249 -11.64 -21.62 -8.36
C MET C 249 -10.52 -21.51 -9.37
N ASP C 250 -10.88 -21.69 -10.63
CA ASP C 250 -9.94 -21.76 -11.74
C ASP C 250 -9.81 -20.44 -12.48
N THR C 251 -10.77 -19.56 -12.22
CA THR C 251 -10.84 -18.25 -12.85
C THR C 251 -10.06 -17.21 -12.03
N ASP C 252 -9.61 -16.14 -12.69
CA ASP C 252 -9.03 -15.04 -11.94
C ASP C 252 -10.13 -13.98 -11.82
N LEU C 253 -10.45 -13.64 -10.58
CA LEU C 253 -11.53 -12.71 -10.26
C LEU C 253 -11.25 -11.26 -10.59
N GLU C 254 -12.00 -10.69 -11.53
CA GLU C 254 -12.10 -9.24 -11.64
C GLU C 254 -13.57 -8.79 -11.38
N PRO C 255 -13.78 -7.50 -11.04
CA PRO C 255 -15.08 -6.99 -10.57
C PRO C 255 -16.21 -6.91 -11.62
N PRO C 256 -17.45 -7.06 -11.16
CA PRO C 256 -18.64 -6.80 -11.99
C PRO C 256 -18.53 -5.45 -12.70
N SER C 257 -18.93 -5.42 -13.97
CA SER C 257 -18.85 -4.24 -14.82
C SER C 257 -19.23 -2.93 -14.09
N GLU C 258 -20.31 -2.96 -13.32
CA GLU C 258 -20.76 -1.77 -12.58
C GLU C 258 -19.68 -1.11 -11.73
N PHE C 259 -18.77 -1.93 -11.21
CA PHE C 259 -17.75 -1.45 -10.29
C PHE C 259 -16.56 -0.88 -11.06
#